data_2BLM
# 
_entry.id   2BLM 
# 
_audit_conform.dict_name       mmcif_pdbx.dic 
_audit_conform.dict_version    5.387 
_audit_conform.dict_location   http://mmcif.pdb.org/dictionaries/ascii/mmcif_pdbx.dic 
# 
loop_
_database_2.database_id 
_database_2.database_code 
_database_2.pdbx_database_accession 
_database_2.pdbx_DOI 
PDB   2BLM         pdb_00002blm 10.2210/pdb2blm/pdb 
WWPDB D_1000177837 ?            ?                   
# 
loop_
_pdbx_audit_revision_history.ordinal 
_pdbx_audit_revision_history.data_content_type 
_pdbx_audit_revision_history.major_revision 
_pdbx_audit_revision_history.minor_revision 
_pdbx_audit_revision_history.revision_date 
1 'Structure model' 1 0 1990-10-15 
2 'Structure model' 1 1 2008-03-03 
3 'Structure model' 1 2 2011-07-13 
4 'Structure model' 1 3 2024-02-14 
# 
_pdbx_audit_revision_details.ordinal             1 
_pdbx_audit_revision_details.revision_ordinal    1 
_pdbx_audit_revision_details.data_content_type   'Structure model' 
_pdbx_audit_revision_details.provider            repository 
_pdbx_audit_revision_details.type                'Initial release' 
_pdbx_audit_revision_details.description         ? 
_pdbx_audit_revision_details.details             ? 
# 
loop_
_pdbx_audit_revision_group.ordinal 
_pdbx_audit_revision_group.revision_ordinal 
_pdbx_audit_revision_group.data_content_type 
_pdbx_audit_revision_group.group 
1 2 'Structure model' 'Version format compliance' 
2 3 'Structure model' 'Version format compliance' 
3 4 'Structure model' 'Data collection'           
4 4 'Structure model' 'Database references'       
5 4 'Structure model' Other                       
# 
loop_
_pdbx_audit_revision_category.ordinal 
_pdbx_audit_revision_category.revision_ordinal 
_pdbx_audit_revision_category.data_content_type 
_pdbx_audit_revision_category.category 
1 4 'Structure model' chem_comp_atom       
2 4 'Structure model' chem_comp_bond       
3 4 'Structure model' database_2           
4 4 'Structure model' pdbx_database_status 
# 
loop_
_pdbx_audit_revision_item.ordinal 
_pdbx_audit_revision_item.revision_ordinal 
_pdbx_audit_revision_item.data_content_type 
_pdbx_audit_revision_item.item 
1 4 'Structure model' '_database_2.pdbx_DOI'                
2 4 'Structure model' '_database_2.pdbx_database_accession' 
3 4 'Structure model' '_pdbx_database_status.process_site'  
# 
_pdbx_database_status.status_code                     REL 
_pdbx_database_status.entry_id                        2BLM 
_pdbx_database_status.recvd_initial_deposition_date   1990-02-02 
_pdbx_database_status.deposit_site                    ? 
_pdbx_database_status.process_site                    BNL 
_pdbx_database_status.SG_entry                        . 
_pdbx_database_status.pdb_format_compatible           Y 
_pdbx_database_status.status_code_mr                  ? 
_pdbx_database_status.status_code_sf                  ? 
_pdbx_database_status.status_code_cs                  ? 
_pdbx_database_status.status_code_nmr_data            ? 
_pdbx_database_status.methods_development_category    ? 
# 
loop_
_audit_author.name 
_audit_author.pdbx_ordinal 
'Moews, P.C.'  1 
'Knox, J.R.'   2 
'Dideberg, O.' 3 
# 
loop_
_citation.id 
_citation.title 
_citation.journal_abbrev 
_citation.journal_volume 
_citation.page_first 
_citation.page_last 
_citation.year 
_citation.journal_id_ASTM 
_citation.country 
_citation.journal_id_ISSN 
_citation.journal_id_CSD 
_citation.book_publisher 
_citation.pdbx_database_id_PubMed 
_citation.pdbx_database_id_DOI 
primary 'Beta-lactamase of Bacillus licheniformis 749/C at 2 A resolution.'                                           Proteins 7   
156  171 1990 PSFGEY US 0887-3585     0867 ?                                           2326252 10.1002/prot.340070205 
1       'Crystallographic Comparison of Penicillin-Recognizing Enzymes'                                               
'Molecular Recognition. Chemical and Biochemical Problems' ?   46   ?   1989 ?      ?  0-85186-796-0 0821 
'Royal Society of Chemistry, Cambridge, Uk' ?       ?                      
2       'On the Origin of Bacterial Resistance to Penicillin. Comparison of a Beta-Lactamase and a Penicillin Target' Science 231 
1429 ?   1986 SCIEAS US 0036-8075     0038 ?                                           ?       ?                      
# 
loop_
_citation_author.citation_id 
_citation_author.name 
_citation_author.ordinal 
_citation_author.identifier_ORCID 
primary 'Moews, P.C.'   1  ? 
primary 'Knox, J.R.'    2  ? 
primary 'Dideberg, O.'  3  ? 
primary 'Charlier, P.'  4  ? 
primary 'Frere, J.M.'   5  ? 
1       'Knox, J.R.'    6  ? 
1       'Kelly, J.A.'   7  ? 
2       'Kelly, J.A.'   8  ? 
2       'Dideberg, O.'  9  ? 
2       'Charlier, P.'  10 ? 
2       'Wery, J.P.'    11 ? 
2       'Libert, M.'    12 ? 
2       'Moews, P.C.'   13 ? 
2       'Knox, J.R.'    14 ? 
2       'Duez, C.'      15 ? 
2       'Fraipont, C.'  16 ? 
2       'Joris, B.'     17 ? 
2       'Dusart, J.'    18 ? 
2       'Frere, J.M.'   19 ? 
2       'Ghuysen, J.M.' 20 ? 
# 
_citation_editor.citation_id   1 
_citation_editor.name          'Roberts, S.M.' 
_citation_editor.ordinal       1 
# 
_entity.id                         1 
_entity.type                       polymer 
_entity.src_method                 man 
_entity.pdbx_description           BETA-LACTAMASE 
_entity.formula_weight             29542.436 
_entity.pdbx_number_of_molecules   2 
_entity.pdbx_ec                    3.5.2.6 
_entity.pdbx_mutation              ? 
_entity.pdbx_fragment              ? 
_entity.details                    ? 
# 
_entity_poly.entity_id                      1 
_entity_poly.type                           'polypeptide(L)' 
_entity_poly.nstd_linkage                   no 
_entity_poly.nstd_monomer                   no 
_entity_poly.pdbx_seq_one_letter_code       
;KTEMKDDFAKLEEQFDAKLGIFALDTGTNRTVAYRPDERFAFASTIKALTVGVLLQQKSIEDLNQRITYTRDDLVNYNPI
TEKHVDTGMTLKELADASLRYSDNAAQNLILKQIGGPESLKKELRKIGDEVTNPERFEPELNEVNPGETQDTSTARALVT
SLRAFALEDKLPSEKRELLIDWMKRNTTGDALIRAGVPDGWEVADKTGAASYGTRNDIAIIWPPKGDPVVLAVLSSRDKK
DAKYDDKLIAEATKVVMKALNMNGK
;
_entity_poly.pdbx_seq_one_letter_code_can   
;KTEMKDDFAKLEEQFDAKLGIFALDTGTNRTVAYRPDERFAFASTIKALTVGVLLQQKSIEDLNQRITYTRDDLVNYNPI
TEKHVDTGMTLKELADASLRYSDNAAQNLILKQIGGPESLKKELRKIGDEVTNPERFEPELNEVNPGETQDTSTARALVT
SLRAFALEDKLPSEKRELLIDWMKRNTTGDALIRAGVPDGWEVADKTGAASYGTRNDIAIIWPPKGDPVVLAVLSSRDKK
DAKYDDKLIAEATKVVMKALNMNGK
;
_entity_poly.pdbx_strand_id                 A,B 
_entity_poly.pdbx_target_identifier         ? 
# 
loop_
_entity_poly_seq.entity_id 
_entity_poly_seq.num 
_entity_poly_seq.mon_id 
_entity_poly_seq.hetero 
1 1   LYS n 
1 2   THR n 
1 3   GLU n 
1 4   MET n 
1 5   LYS n 
1 6   ASP n 
1 7   ASP n 
1 8   PHE n 
1 9   ALA n 
1 10  LYS n 
1 11  LEU n 
1 12  GLU n 
1 13  GLU n 
1 14  GLN n 
1 15  PHE n 
1 16  ASP n 
1 17  ALA n 
1 18  LYS n 
1 19  LEU n 
1 20  GLY n 
1 21  ILE n 
1 22  PHE n 
1 23  ALA n 
1 24  LEU n 
1 25  ASP n 
1 26  THR n 
1 27  GLY n 
1 28  THR n 
1 29  ASN n 
1 30  ARG n 
1 31  THR n 
1 32  VAL n 
1 33  ALA n 
1 34  TYR n 
1 35  ARG n 
1 36  PRO n 
1 37  ASP n 
1 38  GLU n 
1 39  ARG n 
1 40  PHE n 
1 41  ALA n 
1 42  PHE n 
1 43  ALA n 
1 44  SER n 
1 45  THR n 
1 46  ILE n 
1 47  LYS n 
1 48  ALA n 
1 49  LEU n 
1 50  THR n 
1 51  VAL n 
1 52  GLY n 
1 53  VAL n 
1 54  LEU n 
1 55  LEU n 
1 56  GLN n 
1 57  GLN n 
1 58  LYS n 
1 59  SER n 
1 60  ILE n 
1 61  GLU n 
1 62  ASP n 
1 63  LEU n 
1 64  ASN n 
1 65  GLN n 
1 66  ARG n 
1 67  ILE n 
1 68  THR n 
1 69  TYR n 
1 70  THR n 
1 71  ARG n 
1 72  ASP n 
1 73  ASP n 
1 74  LEU n 
1 75  VAL n 
1 76  ASN n 
1 77  TYR n 
1 78  ASN n 
1 79  PRO n 
1 80  ILE n 
1 81  THR n 
1 82  GLU n 
1 83  LYS n 
1 84  HIS n 
1 85  VAL n 
1 86  ASP n 
1 87  THR n 
1 88  GLY n 
1 89  MET n 
1 90  THR n 
1 91  LEU n 
1 92  LYS n 
1 93  GLU n 
1 94  LEU n 
1 95  ALA n 
1 96  ASP n 
1 97  ALA n 
1 98  SER n 
1 99  LEU n 
1 100 ARG n 
1 101 TYR n 
1 102 SER n 
1 103 ASP n 
1 104 ASN n 
1 105 ALA n 
1 106 ALA n 
1 107 GLN n 
1 108 ASN n 
1 109 LEU n 
1 110 ILE n 
1 111 LEU n 
1 112 LYS n 
1 113 GLN n 
1 114 ILE n 
1 115 GLY n 
1 116 GLY n 
1 117 PRO n 
1 118 GLU n 
1 119 SER n 
1 120 LEU n 
1 121 LYS n 
1 122 LYS n 
1 123 GLU n 
1 124 LEU n 
1 125 ARG n 
1 126 LYS n 
1 127 ILE n 
1 128 GLY n 
1 129 ASP n 
1 130 GLU n 
1 131 VAL n 
1 132 THR n 
1 133 ASN n 
1 134 PRO n 
1 135 GLU n 
1 136 ARG n 
1 137 PHE n 
1 138 GLU n 
1 139 PRO n 
1 140 GLU n 
1 141 LEU n 
1 142 ASN n 
1 143 GLU n 
1 144 VAL n 
1 145 ASN n 
1 146 PRO n 
1 147 GLY n 
1 148 GLU n 
1 149 THR n 
1 150 GLN n 
1 151 ASP n 
1 152 THR n 
1 153 SER n 
1 154 THR n 
1 155 ALA n 
1 156 ARG n 
1 157 ALA n 
1 158 LEU n 
1 159 VAL n 
1 160 THR n 
1 161 SER n 
1 162 LEU n 
1 163 ARG n 
1 164 ALA n 
1 165 PHE n 
1 166 ALA n 
1 167 LEU n 
1 168 GLU n 
1 169 ASP n 
1 170 LYS n 
1 171 LEU n 
1 172 PRO n 
1 173 SER n 
1 174 GLU n 
1 175 LYS n 
1 176 ARG n 
1 177 GLU n 
1 178 LEU n 
1 179 LEU n 
1 180 ILE n 
1 181 ASP n 
1 182 TRP n 
1 183 MET n 
1 184 LYS n 
1 185 ARG n 
1 186 ASN n 
1 187 THR n 
1 188 THR n 
1 189 GLY n 
1 190 ASP n 
1 191 ALA n 
1 192 LEU n 
1 193 ILE n 
1 194 ARG n 
1 195 ALA n 
1 196 GLY n 
1 197 VAL n 
1 198 PRO n 
1 199 ASP n 
1 200 GLY n 
1 201 TRP n 
1 202 GLU n 
1 203 VAL n 
1 204 ALA n 
1 205 ASP n 
1 206 LYS n 
1 207 THR n 
1 208 GLY n 
1 209 ALA n 
1 210 ALA n 
1 211 SER n 
1 212 TYR n 
1 213 GLY n 
1 214 THR n 
1 215 ARG n 
1 216 ASN n 
1 217 ASP n 
1 218 ILE n 
1 219 ALA n 
1 220 ILE n 
1 221 ILE n 
1 222 TRP n 
1 223 PRO n 
1 224 PRO n 
1 225 LYS n 
1 226 GLY n 
1 227 ASP n 
1 228 PRO n 
1 229 VAL n 
1 230 VAL n 
1 231 LEU n 
1 232 ALA n 
1 233 VAL n 
1 234 LEU n 
1 235 SER n 
1 236 SER n 
1 237 ARG n 
1 238 ASP n 
1 239 LYS n 
1 240 LYS n 
1 241 ASP n 
1 242 ALA n 
1 243 LYS n 
1 244 TYR n 
1 245 ASP n 
1 246 ASP n 
1 247 LYS n 
1 248 LEU n 
1 249 ILE n 
1 250 ALA n 
1 251 GLU n 
1 252 ALA n 
1 253 THR n 
1 254 LYS n 
1 255 VAL n 
1 256 VAL n 
1 257 MET n 
1 258 LYS n 
1 259 ALA n 
1 260 LEU n 
1 261 ASN n 
1 262 MET n 
1 263 ASN n 
1 264 GLY n 
1 265 LYS n 
# 
_entity_src_gen.entity_id                          1 
_entity_src_gen.pdbx_src_id                        1 
_entity_src_gen.pdbx_alt_source_flag               sample 
_entity_src_gen.pdbx_seq_type                      ? 
_entity_src_gen.pdbx_beg_seq_num                   ? 
_entity_src_gen.pdbx_end_seq_num                   ? 
_entity_src_gen.gene_src_common_name               ? 
_entity_src_gen.gene_src_genus                     Bacillus 
_entity_src_gen.pdbx_gene_src_gene                 ? 
_entity_src_gen.gene_src_species                   ? 
_entity_src_gen.gene_src_strain                    ? 
_entity_src_gen.gene_src_tissue                    ? 
_entity_src_gen.gene_src_tissue_fraction           ? 
_entity_src_gen.gene_src_details                   ? 
_entity_src_gen.pdbx_gene_src_fragment             ? 
_entity_src_gen.pdbx_gene_src_scientific_name      'Bacillus licheniformis' 
_entity_src_gen.pdbx_gene_src_ncbi_taxonomy_id     1402 
_entity_src_gen.pdbx_gene_src_variant              ? 
_entity_src_gen.pdbx_gene_src_cell_line            ? 
_entity_src_gen.pdbx_gene_src_atcc                 ? 
_entity_src_gen.pdbx_gene_src_organ                ? 
_entity_src_gen.pdbx_gene_src_organelle            ? 
_entity_src_gen.pdbx_gene_src_cell                 ? 
_entity_src_gen.pdbx_gene_src_cellular_location    ? 
_entity_src_gen.host_org_common_name               ? 
_entity_src_gen.pdbx_host_org_scientific_name      ? 
_entity_src_gen.pdbx_host_org_ncbi_taxonomy_id     ? 
_entity_src_gen.host_org_genus                     ? 
_entity_src_gen.pdbx_host_org_gene                 ? 
_entity_src_gen.pdbx_host_org_organ                ? 
_entity_src_gen.host_org_species                   ? 
_entity_src_gen.pdbx_host_org_tissue               ? 
_entity_src_gen.pdbx_host_org_tissue_fraction      ? 
_entity_src_gen.pdbx_host_org_strain               ? 
_entity_src_gen.pdbx_host_org_variant              ? 
_entity_src_gen.pdbx_host_org_cell_line            ? 
_entity_src_gen.pdbx_host_org_atcc                 ? 
_entity_src_gen.pdbx_host_org_culture_collection   ? 
_entity_src_gen.pdbx_host_org_cell                 ? 
_entity_src_gen.pdbx_host_org_organelle            ? 
_entity_src_gen.pdbx_host_org_cellular_location    ? 
_entity_src_gen.pdbx_host_org_vector_type          ? 
_entity_src_gen.pdbx_host_org_vector               ? 
_entity_src_gen.host_org_details                   ? 
_entity_src_gen.expression_system_id               ? 
_entity_src_gen.plasmid_name                       ? 
_entity_src_gen.plasmid_details                    ? 
_entity_src_gen.pdbx_description                   ? 
# 
loop_
_chem_comp.id 
_chem_comp.type 
_chem_comp.mon_nstd_flag 
_chem_comp.name 
_chem_comp.pdbx_synonyms 
_chem_comp.formula 
_chem_comp.formula_weight 
ALA 'L-peptide linking' y ALANINE         ? 'C3 H7 N O2'     89.093  
ARG 'L-peptide linking' y ARGININE        ? 'C6 H15 N4 O2 1' 175.209 
ASN 'L-peptide linking' y ASPARAGINE      ? 'C4 H8 N2 O3'    132.118 
ASP 'L-peptide linking' y 'ASPARTIC ACID' ? 'C4 H7 N O4'     133.103 
GLN 'L-peptide linking' y GLUTAMINE       ? 'C5 H10 N2 O3'   146.144 
GLU 'L-peptide linking' y 'GLUTAMIC ACID' ? 'C5 H9 N O4'     147.129 
GLY 'peptide linking'   y GLYCINE         ? 'C2 H5 N O2'     75.067  
HIS 'L-peptide linking' y HISTIDINE       ? 'C6 H10 N3 O2 1' 156.162 
ILE 'L-peptide linking' y ISOLEUCINE      ? 'C6 H13 N O2'    131.173 
LEU 'L-peptide linking' y LEUCINE         ? 'C6 H13 N O2'    131.173 
LYS 'L-peptide linking' y LYSINE          ? 'C6 H15 N2 O2 1' 147.195 
MET 'L-peptide linking' y METHIONINE      ? 'C5 H11 N O2 S'  149.211 
PHE 'L-peptide linking' y PHENYLALANINE   ? 'C9 H11 N O2'    165.189 
PRO 'L-peptide linking' y PROLINE         ? 'C5 H9 N O2'     115.130 
SER 'L-peptide linking' y SERINE          ? 'C3 H7 N O3'     105.093 
THR 'L-peptide linking' y THREONINE       ? 'C4 H9 N O3'     119.119 
TRP 'L-peptide linking' y TRYPTOPHAN      ? 'C11 H12 N2 O2'  204.225 
TYR 'L-peptide linking' y TYROSINE        ? 'C9 H11 N O3'    181.189 
VAL 'L-peptide linking' y VALINE          ? 'C5 H11 N O2'    117.146 
# 
loop_
_pdbx_poly_seq_scheme.asym_id 
_pdbx_poly_seq_scheme.entity_id 
_pdbx_poly_seq_scheme.seq_id 
_pdbx_poly_seq_scheme.mon_id 
_pdbx_poly_seq_scheme.ndb_seq_num 
_pdbx_poly_seq_scheme.pdb_seq_num 
_pdbx_poly_seq_scheme.auth_seq_num 
_pdbx_poly_seq_scheme.pdb_mon_id 
_pdbx_poly_seq_scheme.auth_mon_id 
_pdbx_poly_seq_scheme.pdb_strand_id 
_pdbx_poly_seq_scheme.pdb_ins_code 
_pdbx_poly_seq_scheme.hetero 
A 1 1   LYS 1   26  ?   ?   ?   A . n 
A 1 2   THR 2   27  ?   ?   ?   A . n 
A 1 3   GLU 3   28  ?   ?   ?   A . n 
A 1 4   MET 4   29  ?   ?   ?   A . n 
A 1 5   LYS 5   30  ?   ?   ?   A . n 
A 1 6   ASP 6   31  31  ASP ASP A . n 
A 1 7   ASP 7   32  32  ASP ASP A . n 
A 1 8   PHE 8   33  33  PHE PHE A . n 
A 1 9   ALA 9   34  34  ALA ALA A . n 
A 1 10  LYS 10  35  35  LYS LYS A . n 
A 1 11  LEU 11  36  36  LEU LEU A . n 
A 1 12  GLU 12  37  37  GLU GLU A . n 
A 1 13  GLU 13  38  38  GLU GLU A . n 
A 1 14  GLN 14  39  39  GLN GLN A . n 
A 1 15  PHE 15  40  40  PHE PHE A . n 
A 1 16  ASP 16  41  41  ASP ASP A . n 
A 1 17  ALA 17  42  42  ALA ALA A . n 
A 1 18  LYS 18  43  43  LYS LYS A . n 
A 1 19  LEU 19  44  44  LEU LEU A . n 
A 1 20  GLY 20  45  45  GLY GLY A . n 
A 1 21  ILE 21  46  46  ILE ILE A . n 
A 1 22  PHE 22  47  47  PHE PHE A . n 
A 1 23  ALA 23  48  48  ALA ALA A . n 
A 1 24  LEU 24  49  49  LEU LEU A . n 
A 1 25  ASP 25  50  50  ASP ASP A . n 
A 1 26  THR 26  51  51  THR THR A . n 
A 1 27  GLY 27  52  52  GLY GLY A . n 
A 1 28  THR 28  53  53  THR THR A . n 
A 1 29  ASN 29  54  54  ASN ASN A . n 
A 1 30  ARG 30  55  55  ARG ARG A . n 
A 1 31  THR 31  56  56  THR THR A . n 
A 1 32  VAL 32  57  57  VAL VAL A . n 
A 1 33  ALA 33  59  59  ALA ALA A . n 
A 1 34  TYR 34  60  60  TYR TYR A . n 
A 1 35  ARG 35  61  61  ARG ARG A . n 
A 1 36  PRO 36  62  62  PRO PRO A . n 
A 1 37  ASP 37  63  63  ASP ASP A . n 
A 1 38  GLU 38  64  64  GLU GLU A . n 
A 1 39  ARG 39  65  65  ARG ARG A . n 
A 1 40  PHE 40  66  66  PHE PHE A . n 
A 1 41  ALA 41  67  67  ALA ALA A . n 
A 1 42  PHE 42  68  68  PHE PHE A . n 
A 1 43  ALA 43  69  69  ALA ALA A . n 
A 1 44  SER 44  70  70  SER SER A . n 
A 1 45  THR 45  71  71  THR THR A . n 
A 1 46  ILE 46  72  72  ILE ILE A . n 
A 1 47  LYS 47  73  73  LYS LYS A . n 
A 1 48  ALA 48  74  74  ALA ALA A . n 
A 1 49  LEU 49  75  75  LEU LEU A . n 
A 1 50  THR 50  76  76  THR THR A . n 
A 1 51  VAL 51  77  77  VAL VAL A . n 
A 1 52  GLY 52  78  78  GLY GLY A . n 
A 1 53  VAL 53  79  79  VAL VAL A . n 
A 1 54  LEU 54  80  80  LEU LEU A . n 
A 1 55  LEU 55  81  81  LEU LEU A . n 
A 1 56  GLN 56  82  82  GLN GLN A . n 
A 1 57  GLN 57  83  83  GLN GLN A . n 
A 1 58  LYS 58  86  86  LYS LYS A . n 
A 1 59  SER 59  87  87  SER SER A . n 
A 1 60  ILE 60  88  88  ILE ILE A . n 
A 1 61  GLU 61  89  89  GLU GLU A . n 
A 1 62  ASP 62  90  90  ASP ASP A . n 
A 1 63  LEU 63  91  91  LEU LEU A . n 
A 1 64  ASN 64  92  92  ASN ASN A . n 
A 1 65  GLN 65  93  93  GLN GLN A . n 
A 1 66  ARG 66  94  94  ARG ARG A . n 
A 1 67  ILE 67  95  95  ILE ILE A . n 
A 1 68  THR 68  96  96  THR THR A . n 
A 1 69  TYR 69  97  97  TYR TYR A . n 
A 1 70  THR 70  98  98  THR THR A . n 
A 1 71  ARG 71  99  99  ARG ARG A . n 
A 1 72  ASP 72  100 100 ASP ASP A . n 
A 1 73  ASP 73  101 101 ASP ASP A . n 
A 1 74  LEU 74  102 102 LEU LEU A . n 
A 1 75  VAL 75  103 103 VAL VAL A . n 
A 1 76  ASN 76  104 104 ASN ASN A . n 
A 1 77  TYR 77  105 105 TYR TYR A . n 
A 1 78  ASN 78  106 106 ASN ASN A . n 
A 1 79  PRO 79  107 107 PRO PRO A . n 
A 1 80  ILE 80  108 108 ILE ILE A . n 
A 1 81  THR 81  109 109 THR THR A . n 
A 1 82  GLU 82  110 110 GLU GLU A . n 
A 1 83  LYS 83  111 111 LYS LYS A . n 
A 1 84  HIS 84  112 112 HIS HIS A . n 
A 1 85  VAL 85  113 113 VAL VAL A . n 
A 1 86  ASP 86  114 114 ASP ASP A . n 
A 1 87  THR 87  115 115 THR THR A . n 
A 1 88  GLY 88  116 116 GLY GLY A . n 
A 1 89  MET 89  117 117 MET MET A . n 
A 1 90  THR 90  118 118 THR THR A . n 
A 1 91  LEU 91  119 119 LEU LEU A . n 
A 1 92  LYS 92  120 120 LYS LYS A . n 
A 1 93  GLU 93  121 121 GLU GLU A . n 
A 1 94  LEU 94  122 122 LEU LEU A . n 
A 1 95  ALA 95  123 123 ALA ALA A . n 
A 1 96  ASP 96  124 124 ASP ASP A . n 
A 1 97  ALA 97  125 125 ALA ALA A . n 
A 1 98  SER 98  126 126 SER SER A . n 
A 1 99  LEU 99  127 127 LEU LEU A . n 
A 1 100 ARG 100 128 128 ARG ARG A . n 
A 1 101 TYR 101 129 129 TYR TYR A . n 
A 1 102 SER 102 130 130 SER SER A . n 
A 1 103 ASP 103 131 131 ASP ASP A . n 
A 1 104 ASN 104 132 132 ASN ASN A . n 
A 1 105 ALA 105 133 133 ALA ALA A . n 
A 1 106 ALA 106 134 134 ALA ALA A . n 
A 1 107 GLN 107 135 135 GLN GLN A . n 
A 1 108 ASN 108 136 136 ASN ASN A . n 
A 1 109 LEU 109 137 137 LEU LEU A . n 
A 1 110 ILE 110 138 138 ILE ILE A . n 
A 1 111 LEU 111 139 139 LEU LEU A . n 
A 1 112 LYS 112 140 140 LYS LYS A . n 
A 1 113 GLN 113 141 141 GLN GLN A . n 
A 1 114 ILE 114 142 142 ILE ILE A . n 
A 1 115 GLY 115 143 143 GLY GLY A . n 
A 1 116 GLY 116 144 144 GLY GLY A . n 
A 1 117 PRO 117 145 145 PRO PRO A . n 
A 1 118 GLU 118 146 146 GLU GLU A . n 
A 1 119 SER 119 147 147 SER SER A . n 
A 1 120 LEU 120 148 148 LEU LEU A . n 
A 1 121 LYS 121 149 149 LYS LYS A . n 
A 1 122 LYS 122 150 150 LYS LYS A . n 
A 1 123 GLU 123 151 151 GLU GLU A . n 
A 1 124 LEU 124 152 152 LEU LEU A . n 
A 1 125 ARG 125 153 153 ARG ARG A . n 
A 1 126 LYS 126 154 154 LYS LYS A . n 
A 1 127 ILE 127 155 155 ILE ILE A . n 
A 1 128 GLY 128 156 156 GLY GLY A . n 
A 1 129 ASP 129 157 157 ASP ASP A . n 
A 1 130 GLU 130 158 158 GLU GLU A . n 
A 1 131 VAL 131 159 159 VAL VAL A . n 
A 1 132 THR 132 160 160 THR THR A . n 
A 1 133 ASN 133 161 161 ASN ASN A . n 
A 1 134 PRO 134 162 162 PRO PRO A . n 
A 1 135 GLU 135 163 163 GLU GLU A . n 
A 1 136 ARG 136 164 164 ARG ARG A . n 
A 1 137 PHE 137 165 165 PHE PHE A . n 
A 1 138 GLU 138 166 166 GLU GLU A . n 
A 1 139 PRO 139 167 167 PRO PRO A . n 
A 1 140 GLU 140 168 168 GLU GLU A . n 
A 1 141 LEU 141 169 169 LEU LEU A . n 
A 1 142 ASN 142 170 170 ASN ASN A . n 
A 1 143 GLU 143 171 171 GLU GLU A . n 
A 1 144 VAL 144 172 172 VAL VAL A . n 
A 1 145 ASN 145 173 173 ASN ASN A . n 
A 1 146 PRO 146 174 174 PRO PRO A . n 
A 1 147 GLY 147 175 175 GLY GLY A . n 
A 1 148 GLU 148 176 176 GLU GLU A . n 
A 1 149 THR 149 177 177 THR THR A . n 
A 1 150 GLN 150 178 178 GLN GLN A . n 
A 1 151 ASP 151 179 179 ASP ASP A . n 
A 1 152 THR 152 180 180 THR THR A . n 
A 1 153 SER 153 181 181 SER SER A . n 
A 1 154 THR 154 182 182 THR THR A . n 
A 1 155 ALA 155 183 183 ALA ALA A . n 
A 1 156 ARG 156 184 184 ARG ARG A . n 
A 1 157 ALA 157 185 185 ALA ALA A . n 
A 1 158 LEU 158 186 186 LEU LEU A . n 
A 1 159 VAL 159 187 187 VAL VAL A . n 
A 1 160 THR 160 188 188 THR THR A . n 
A 1 161 SER 161 189 189 SER SER A . n 
A 1 162 LEU 162 190 190 LEU LEU A . n 
A 1 163 ARG 163 191 191 ARG ARG A . n 
A 1 164 ALA 164 192 192 ALA ALA A . n 
A 1 165 PHE 165 193 193 PHE PHE A . n 
A 1 166 ALA 166 194 194 ALA ALA A . n 
A 1 167 LEU 167 195 195 LEU LEU A . n 
A 1 168 GLU 168 196 196 GLU GLU A . n 
A 1 169 ASP 169 197 197 ASP ASP A . n 
A 1 170 LYS 170 198 198 LYS LYS A . n 
A 1 171 LEU 171 199 199 LEU LEU A . n 
A 1 172 PRO 172 200 200 PRO PRO A . n 
A 1 173 SER 173 201 201 SER SER A . n 
A 1 174 GLU 174 202 202 GLU GLU A . n 
A 1 175 LYS 175 203 203 LYS LYS A . n 
A 1 176 ARG 176 204 204 ARG ARG A . n 
A 1 177 GLU 177 205 205 GLU GLU A . n 
A 1 178 LEU 178 206 206 LEU LEU A . n 
A 1 179 LEU 179 207 207 LEU LEU A . n 
A 1 180 ILE 180 208 208 ILE ILE A . n 
A 1 181 ASP 181 209 209 ASP ASP A . n 
A 1 182 TRP 182 210 210 TRP TRP A . n 
A 1 183 MET 183 211 211 MET MET A . n 
A 1 184 LYS 184 212 212 LYS LYS A . n 
A 1 185 ARG 185 213 213 ARG ARG A . n 
A 1 186 ASN 186 214 214 ASN ASN A . n 
A 1 187 THR 187 215 215 THR THR A . n 
A 1 188 THR 188 216 216 THR THR A . n 
A 1 189 GLY 189 217 217 GLY GLY A . n 
A 1 190 ASP 190 218 218 ASP ASP A . n 
A 1 191 ALA 191 219 219 ALA ALA A . n 
A 1 192 LEU 192 220 220 LEU LEU A . n 
A 1 193 ILE 193 221 221 ILE ILE A . n 
A 1 194 ARG 194 222 222 ARG ARG A . n 
A 1 195 ALA 195 223 223 ALA ALA A . n 
A 1 196 GLY 196 224 224 GLY GLY A . n 
A 1 197 VAL 197 225 225 VAL VAL A . n 
A 1 198 PRO 198 226 226 PRO PRO A . n 
A 1 199 ASP 199 227 227 ASP ASP A . n 
A 1 200 GLY 200 228 228 GLY GLY A . n 
A 1 201 TRP 201 229 229 TRP TRP A . n 
A 1 202 GLU 202 230 230 GLU GLU A . n 
A 1 203 VAL 203 231 231 VAL VAL A . n 
A 1 204 ALA 204 232 232 ALA ALA A . n 
A 1 205 ASP 205 233 233 ASP ASP A . n 
A 1 206 LYS 206 234 234 LYS LYS A . n 
A 1 207 THR 207 235 235 THR THR A . n 
A 1 208 GLY 208 236 236 GLY GLY A . n 
A 1 209 ALA 209 237 237 ALA ALA A . n 
A 1 210 ALA 210 238 238 ALA ALA A . n 
A 1 211 SER 211 240 240 SER SER A . n 
A 1 212 TYR 212 241 241 TYR TYR A . n 
A 1 213 GLY 213 242 242 GLY GLY A . n 
A 1 214 THR 214 243 243 THR THR A . n 
A 1 215 ARG 215 244 244 ARG ARG A . n 
A 1 216 ASN 216 245 245 ASN ASN A . n 
A 1 217 ASP 217 246 246 ASP ASP A . n 
A 1 218 ILE 218 247 247 ILE ILE A . n 
A 1 219 ALA 219 248 248 ALA ALA A . n 
A 1 220 ILE 220 249 249 ILE ILE A . n 
A 1 221 ILE 221 250 250 ILE ILE A . n 
A 1 222 TRP 222 251 251 TRP TRP A . n 
A 1 223 PRO 223 252 252 PRO PRO A . n 
A 1 224 PRO 224 254 254 PRO PRO A . n 
A 1 225 LYS 225 255 255 LYS LYS A . n 
A 1 226 GLY 226 256 256 GLY GLY A . n 
A 1 227 ASP 227 257 257 ASP ASP A . n 
A 1 228 PRO 228 258 258 PRO PRO A . n 
A 1 229 VAL 229 259 259 VAL VAL A . n 
A 1 230 VAL 230 260 260 VAL VAL A . n 
A 1 231 LEU 231 261 261 LEU LEU A . n 
A 1 232 ALA 232 262 262 ALA ALA A . n 
A 1 233 VAL 233 263 263 VAL VAL A . n 
A 1 234 LEU 234 264 264 LEU LEU A . n 
A 1 235 SER 235 265 265 SER SER A . n 
A 1 236 SER 236 266 266 SER SER A . n 
A 1 237 ARG 237 267 267 ARG ARG A . n 
A 1 238 ASP 238 268 268 ASP ASP A . n 
A 1 239 LYS 239 269 269 LYS LYS A . n 
A 1 240 LYS 240 270 270 LYS LYS A . n 
A 1 241 ASP 241 271 271 ASP ASP A . n 
A 1 242 ALA 242 272 272 ALA ALA A . n 
A 1 243 LYS 243 273 273 LYS LYS A . n 
A 1 244 TYR 244 274 274 TYR TYR A . n 
A 1 245 ASP 245 275 275 ASP ASP A . n 
A 1 246 ASP 246 276 276 ASP ASP A . n 
A 1 247 LYS 247 277 277 LYS LYS A . n 
A 1 248 LEU 248 278 278 LEU LEU A . n 
A 1 249 ILE 249 279 279 ILE ILE A . n 
A 1 250 ALA 250 280 280 ALA ALA A . n 
A 1 251 GLU 251 281 281 GLU GLU A . n 
A 1 252 ALA 252 282 282 ALA ALA A . n 
A 1 253 THR 253 283 283 THR THR A . n 
A 1 254 LYS 254 284 284 LYS LYS A . n 
A 1 255 VAL 255 285 285 VAL VAL A . n 
A 1 256 VAL 256 286 286 VAL VAL A . n 
A 1 257 MET 257 287 287 MET MET A . n 
A 1 258 LYS 258 288 288 LYS LYS A . n 
A 1 259 ALA 259 289 289 ALA ALA A . n 
A 1 260 LEU 260 290 290 LEU LEU A . n 
A 1 261 ASN 261 291 291 ASN ASN A . n 
A 1 262 MET 262 292 292 MET MET A . n 
A 1 263 ASN 263 293 293 ASN ASN A . n 
A 1 264 GLY 264 294 294 GLY GLY A . n 
A 1 265 LYS 265 295 295 LYS LYS A . n 
B 1 1   LYS 1   26  ?   ?   ?   B . n 
B 1 2   THR 2   27  ?   ?   ?   B . n 
B 1 3   GLU 3   28  ?   ?   ?   B . n 
B 1 4   MET 4   29  ?   ?   ?   B . n 
B 1 5   LYS 5   30  ?   ?   ?   B . n 
B 1 6   ASP 6   31  31  ASP ASP B . n 
B 1 7   ASP 7   32  32  ASP ASP B . n 
B 1 8   PHE 8   33  33  PHE PHE B . n 
B 1 9   ALA 9   34  34  ALA ALA B . n 
B 1 10  LYS 10  35  35  LYS LYS B . n 
B 1 11  LEU 11  36  36  LEU LEU B . n 
B 1 12  GLU 12  37  37  GLU GLU B . n 
B 1 13  GLU 13  38  38  GLU GLU B . n 
B 1 14  GLN 14  39  39  GLN GLN B . n 
B 1 15  PHE 15  40  40  PHE PHE B . n 
B 1 16  ASP 16  41  41  ASP ASP B . n 
B 1 17  ALA 17  42  42  ALA ALA B . n 
B 1 18  LYS 18  43  43  LYS LYS B . n 
B 1 19  LEU 19  44  44  LEU LEU B . n 
B 1 20  GLY 20  45  45  GLY GLY B . n 
B 1 21  ILE 21  46  46  ILE ILE B . n 
B 1 22  PHE 22  47  47  PHE PHE B . n 
B 1 23  ALA 23  48  48  ALA ALA B . n 
B 1 24  LEU 24  49  49  LEU LEU B . n 
B 1 25  ASP 25  50  50  ASP ASP B . n 
B 1 26  THR 26  51  51  THR THR B . n 
B 1 27  GLY 27  52  52  GLY GLY B . n 
B 1 28  THR 28  53  53  THR THR B . n 
B 1 29  ASN 29  54  54  ASN ASN B . n 
B 1 30  ARG 30  55  55  ARG ARG B . n 
B 1 31  THR 31  56  56  THR THR B . n 
B 1 32  VAL 32  57  57  VAL VAL B . n 
B 1 33  ALA 33  59  59  ALA ALA B . n 
B 1 34  TYR 34  60  60  TYR TYR B . n 
B 1 35  ARG 35  61  61  ARG ARG B . n 
B 1 36  PRO 36  62  62  PRO PRO B . n 
B 1 37  ASP 37  63  63  ASP ASP B . n 
B 1 38  GLU 38  64  64  GLU GLU B . n 
B 1 39  ARG 39  65  65  ARG ARG B . n 
B 1 40  PHE 40  66  66  PHE PHE B . n 
B 1 41  ALA 41  67  67  ALA ALA B . n 
B 1 42  PHE 42  68  68  PHE PHE B . n 
B 1 43  ALA 43  69  69  ALA ALA B . n 
B 1 44  SER 44  70  70  SER SER B . n 
B 1 45  THR 45  71  71  THR THR B . n 
B 1 46  ILE 46  72  72  ILE ILE B . n 
B 1 47  LYS 47  73  73  LYS LYS B . n 
B 1 48  ALA 48  74  74  ALA ALA B . n 
B 1 49  LEU 49  75  75  LEU LEU B . n 
B 1 50  THR 50  76  76  THR THR B . n 
B 1 51  VAL 51  77  77  VAL VAL B . n 
B 1 52  GLY 52  78  78  GLY GLY B . n 
B 1 53  VAL 53  79  79  VAL VAL B . n 
B 1 54  LEU 54  80  80  LEU LEU B . n 
B 1 55  LEU 55  81  81  LEU LEU B . n 
B 1 56  GLN 56  82  82  GLN GLN B . n 
B 1 57  GLN 57  83  83  GLN GLN B . n 
B 1 58  LYS 58  86  86  LYS LYS B . n 
B 1 59  SER 59  87  87  SER SER B . n 
B 1 60  ILE 60  88  88  ILE ILE B . n 
B 1 61  GLU 61  89  89  GLU GLU B . n 
B 1 62  ASP 62  90  90  ASP ASP B . n 
B 1 63  LEU 63  91  91  LEU LEU B . n 
B 1 64  ASN 64  92  92  ASN ASN B . n 
B 1 65  GLN 65  93  93  GLN GLN B . n 
B 1 66  ARG 66  94  94  ARG ARG B . n 
B 1 67  ILE 67  95  95  ILE ILE B . n 
B 1 68  THR 68  96  96  THR THR B . n 
B 1 69  TYR 69  97  97  TYR TYR B . n 
B 1 70  THR 70  98  98  THR THR B . n 
B 1 71  ARG 71  99  99  ARG ARG B . n 
B 1 72  ASP 72  100 100 ASP ASP B . n 
B 1 73  ASP 73  101 101 ASP ASP B . n 
B 1 74  LEU 74  102 102 LEU LEU B . n 
B 1 75  VAL 75  103 103 VAL VAL B . n 
B 1 76  ASN 76  104 104 ASN ASN B . n 
B 1 77  TYR 77  105 105 TYR TYR B . n 
B 1 78  ASN 78  106 106 ASN ASN B . n 
B 1 79  PRO 79  107 107 PRO PRO B . n 
B 1 80  ILE 80  108 108 ILE ILE B . n 
B 1 81  THR 81  109 109 THR THR B . n 
B 1 82  GLU 82  110 110 GLU GLU B . n 
B 1 83  LYS 83  111 111 LYS LYS B . n 
B 1 84  HIS 84  112 112 HIS HIS B . n 
B 1 85  VAL 85  113 113 VAL VAL B . n 
B 1 86  ASP 86  114 114 ASP ASP B . n 
B 1 87  THR 87  115 115 THR THR B . n 
B 1 88  GLY 88  116 116 GLY GLY B . n 
B 1 89  MET 89  117 117 MET MET B . n 
B 1 90  THR 90  118 118 THR THR B . n 
B 1 91  LEU 91  119 119 LEU LEU B . n 
B 1 92  LYS 92  120 120 LYS LYS B . n 
B 1 93  GLU 93  121 121 GLU GLU B . n 
B 1 94  LEU 94  122 122 LEU LEU B . n 
B 1 95  ALA 95  123 123 ALA ALA B . n 
B 1 96  ASP 96  124 124 ASP ASP B . n 
B 1 97  ALA 97  125 125 ALA ALA B . n 
B 1 98  SER 98  126 126 SER SER B . n 
B 1 99  LEU 99  127 127 LEU LEU B . n 
B 1 100 ARG 100 128 128 ARG ARG B . n 
B 1 101 TYR 101 129 129 TYR TYR B . n 
B 1 102 SER 102 130 130 SER SER B . n 
B 1 103 ASP 103 131 131 ASP ASP B . n 
B 1 104 ASN 104 132 132 ASN ASN B . n 
B 1 105 ALA 105 133 133 ALA ALA B . n 
B 1 106 ALA 106 134 134 ALA ALA B . n 
B 1 107 GLN 107 135 135 GLN GLN B . n 
B 1 108 ASN 108 136 136 ASN ASN B . n 
B 1 109 LEU 109 137 137 LEU LEU B . n 
B 1 110 ILE 110 138 138 ILE ILE B . n 
B 1 111 LEU 111 139 139 LEU LEU B . n 
B 1 112 LYS 112 140 140 LYS LYS B . n 
B 1 113 GLN 113 141 141 GLN GLN B . n 
B 1 114 ILE 114 142 142 ILE ILE B . n 
B 1 115 GLY 115 143 143 GLY GLY B . n 
B 1 116 GLY 116 144 144 GLY GLY B . n 
B 1 117 PRO 117 145 145 PRO PRO B . n 
B 1 118 GLU 118 146 146 GLU GLU B . n 
B 1 119 SER 119 147 147 SER SER B . n 
B 1 120 LEU 120 148 148 LEU LEU B . n 
B 1 121 LYS 121 149 149 LYS LYS B . n 
B 1 122 LYS 122 150 150 LYS LYS B . n 
B 1 123 GLU 123 151 151 GLU GLU B . n 
B 1 124 LEU 124 152 152 LEU LEU B . n 
B 1 125 ARG 125 153 153 ARG ARG B . n 
B 1 126 LYS 126 154 154 LYS LYS B . n 
B 1 127 ILE 127 155 155 ILE ILE B . n 
B 1 128 GLY 128 156 156 GLY GLY B . n 
B 1 129 ASP 129 157 157 ASP ASP B . n 
B 1 130 GLU 130 158 158 GLU GLU B . n 
B 1 131 VAL 131 159 159 VAL VAL B . n 
B 1 132 THR 132 160 160 THR THR B . n 
B 1 133 ASN 133 161 161 ASN ASN B . n 
B 1 134 PRO 134 162 162 PRO PRO B . n 
B 1 135 GLU 135 163 163 GLU GLU B . n 
B 1 136 ARG 136 164 164 ARG ARG B . n 
B 1 137 PHE 137 165 165 PHE PHE B . n 
B 1 138 GLU 138 166 166 GLU GLU B . n 
B 1 139 PRO 139 167 167 PRO PRO B . n 
B 1 140 GLU 140 168 168 GLU GLU B . n 
B 1 141 LEU 141 169 169 LEU LEU B . n 
B 1 142 ASN 142 170 170 ASN ASN B . n 
B 1 143 GLU 143 171 171 GLU GLU B . n 
B 1 144 VAL 144 172 172 VAL VAL B . n 
B 1 145 ASN 145 173 173 ASN ASN B . n 
B 1 146 PRO 146 174 174 PRO PRO B . n 
B 1 147 GLY 147 175 175 GLY GLY B . n 
B 1 148 GLU 148 176 176 GLU GLU B . n 
B 1 149 THR 149 177 177 THR THR B . n 
B 1 150 GLN 150 178 178 GLN GLN B . n 
B 1 151 ASP 151 179 179 ASP ASP B . n 
B 1 152 THR 152 180 180 THR THR B . n 
B 1 153 SER 153 181 181 SER SER B . n 
B 1 154 THR 154 182 182 THR THR B . n 
B 1 155 ALA 155 183 183 ALA ALA B . n 
B 1 156 ARG 156 184 184 ARG ARG B . n 
B 1 157 ALA 157 185 185 ALA ALA B . n 
B 1 158 LEU 158 186 186 LEU LEU B . n 
B 1 159 VAL 159 187 187 VAL VAL B . n 
B 1 160 THR 160 188 188 THR THR B . n 
B 1 161 SER 161 189 189 SER SER B . n 
B 1 162 LEU 162 190 190 LEU LEU B . n 
B 1 163 ARG 163 191 191 ARG ARG B . n 
B 1 164 ALA 164 192 192 ALA ALA B . n 
B 1 165 PHE 165 193 193 PHE PHE B . n 
B 1 166 ALA 166 194 194 ALA ALA B . n 
B 1 167 LEU 167 195 195 LEU LEU B . n 
B 1 168 GLU 168 196 196 GLU GLU B . n 
B 1 169 ASP 169 197 197 ASP ASP B . n 
B 1 170 LYS 170 198 198 LYS LYS B . n 
B 1 171 LEU 171 199 199 LEU LEU B . n 
B 1 172 PRO 172 200 200 PRO PRO B . n 
B 1 173 SER 173 201 201 SER SER B . n 
B 1 174 GLU 174 202 202 GLU GLU B . n 
B 1 175 LYS 175 203 203 LYS LYS B . n 
B 1 176 ARG 176 204 204 ARG ARG B . n 
B 1 177 GLU 177 205 205 GLU GLU B . n 
B 1 178 LEU 178 206 206 LEU LEU B . n 
B 1 179 LEU 179 207 207 LEU LEU B . n 
B 1 180 ILE 180 208 208 ILE ILE B . n 
B 1 181 ASP 181 209 209 ASP ASP B . n 
B 1 182 TRP 182 210 210 TRP TRP B . n 
B 1 183 MET 183 211 211 MET MET B . n 
B 1 184 LYS 184 212 212 LYS LYS B . n 
B 1 185 ARG 185 213 213 ARG ARG B . n 
B 1 186 ASN 186 214 214 ASN ASN B . n 
B 1 187 THR 187 215 215 THR THR B . n 
B 1 188 THR 188 216 216 THR THR B . n 
B 1 189 GLY 189 217 217 GLY GLY B . n 
B 1 190 ASP 190 218 218 ASP ASP B . n 
B 1 191 ALA 191 219 219 ALA ALA B . n 
B 1 192 LEU 192 220 220 LEU LEU B . n 
B 1 193 ILE 193 221 221 ILE ILE B . n 
B 1 194 ARG 194 222 222 ARG ARG B . n 
B 1 195 ALA 195 223 223 ALA ALA B . n 
B 1 196 GLY 196 224 224 GLY GLY B . n 
B 1 197 VAL 197 225 225 VAL VAL B . n 
B 1 198 PRO 198 226 226 PRO PRO B . n 
B 1 199 ASP 199 227 227 ASP ASP B . n 
B 1 200 GLY 200 228 228 GLY GLY B . n 
B 1 201 TRP 201 229 229 TRP TRP B . n 
B 1 202 GLU 202 230 230 GLU GLU B . n 
B 1 203 VAL 203 231 231 VAL VAL B . n 
B 1 204 ALA 204 232 232 ALA ALA B . n 
B 1 205 ASP 205 233 233 ASP ASP B . n 
B 1 206 LYS 206 234 234 LYS LYS B . n 
B 1 207 THR 207 235 235 THR THR B . n 
B 1 208 GLY 208 236 236 GLY GLY B . n 
B 1 209 ALA 209 237 237 ALA ALA B . n 
B 1 210 ALA 210 238 238 ALA ALA B . n 
B 1 211 SER 211 240 240 SER SER B . n 
B 1 212 TYR 212 241 241 TYR TYR B . n 
B 1 213 GLY 213 242 242 GLY GLY B . n 
B 1 214 THR 214 243 243 THR THR B . n 
B 1 215 ARG 215 244 244 ARG ARG B . n 
B 1 216 ASN 216 245 245 ASN ASN B . n 
B 1 217 ASP 217 246 246 ASP ASP B . n 
B 1 218 ILE 218 247 247 ILE ILE B . n 
B 1 219 ALA 219 248 248 ALA ALA B . n 
B 1 220 ILE 220 249 249 ILE ILE B . n 
B 1 221 ILE 221 250 250 ILE ILE B . n 
B 1 222 TRP 222 251 251 TRP TRP B . n 
B 1 223 PRO 223 252 252 PRO PRO B . n 
B 1 224 PRO 224 254 254 PRO PRO B . n 
B 1 225 LYS 225 255 255 LYS LYS B . n 
B 1 226 GLY 226 256 256 GLY GLY B . n 
B 1 227 ASP 227 257 257 ASP ASP B . n 
B 1 228 PRO 228 258 258 PRO PRO B . n 
B 1 229 VAL 229 259 259 VAL VAL B . n 
B 1 230 VAL 230 260 260 VAL VAL B . n 
B 1 231 LEU 231 261 261 LEU LEU B . n 
B 1 232 ALA 232 262 262 ALA ALA B . n 
B 1 233 VAL 233 263 263 VAL VAL B . n 
B 1 234 LEU 234 264 264 LEU LEU B . n 
B 1 235 SER 235 265 265 SER SER B . n 
B 1 236 SER 236 266 266 SER SER B . n 
B 1 237 ARG 237 267 267 ARG ARG B . n 
B 1 238 ASP 238 268 268 ASP ASP B . n 
B 1 239 LYS 239 269 269 LYS LYS B . n 
B 1 240 LYS 240 270 270 LYS LYS B . n 
B 1 241 ASP 241 271 271 ASP ASP B . n 
B 1 242 ALA 242 272 272 ALA ALA B . n 
B 1 243 LYS 243 273 273 LYS LYS B . n 
B 1 244 TYR 244 274 274 TYR TYR B . n 
B 1 245 ASP 245 275 275 ASP ASP B . n 
B 1 246 ASP 246 276 276 ASP ASP B . n 
B 1 247 LYS 247 277 277 LYS LYS B . n 
B 1 248 LEU 248 278 278 LEU LEU B . n 
B 1 249 ILE 249 279 279 ILE ILE B . n 
B 1 250 ALA 250 280 280 ALA ALA B . n 
B 1 251 GLU 251 281 281 GLU GLU B . n 
B 1 252 ALA 252 282 282 ALA ALA B . n 
B 1 253 THR 253 283 283 THR THR B . n 
B 1 254 LYS 254 284 284 LYS LYS B . n 
B 1 255 VAL 255 285 285 VAL VAL B . n 
B 1 256 VAL 256 286 286 VAL VAL B . n 
B 1 257 MET 257 287 287 MET MET B . n 
B 1 258 LYS 258 288 288 LYS LYS B . n 
B 1 259 ALA 259 289 289 ALA ALA B . n 
B 1 260 LEU 260 290 290 LEU LEU B . n 
B 1 261 ASN 261 291 291 ASN ASN B . n 
B 1 262 MET 262 292 292 MET MET B . n 
B 1 263 ASN 263 293 293 ASN ASN B . n 
B 1 264 GLY 264 294 294 GLY GLY B . n 
B 1 265 LYS 265 295 295 LYS LYS B . n 
# 
_software.name             PROLSQ 
_software.classification   refinement 
_software.version          . 
_software.citation_id      ? 
_software.pdbx_ordinal     1 
# 
_cell.entry_id           2BLM 
_cell.length_a           66.800 
_cell.length_b           90.700 
_cell.length_c           43.600 
_cell.angle_alpha        90.00 
_cell.angle_beta         104.50 
_cell.angle_gamma        90.00 
_cell.Z_PDB              4 
_cell.pdbx_unique_axis   ? 
# 
_symmetry.entry_id                         2BLM 
_symmetry.space_group_name_H-M             'P 1 21 1' 
_symmetry.pdbx_full_space_group_name_H-M   ? 
_symmetry.cell_setting                     ? 
_symmetry.Int_Tables_number                4 
# 
_exptl.entry_id          2BLM 
_exptl.method            'X-RAY DIFFRACTION' 
_exptl.crystals_number   ? 
# 
_exptl_crystal.id                    1 
_exptl_crystal.density_meas          ? 
_exptl_crystal.density_Matthews      2.16 
_exptl_crystal.density_percent_sol   43.15 
_exptl_crystal.description           ? 
# 
_diffrn.id                     1 
_diffrn.crystal_id             1 
_diffrn.ambient_temp           ? 
_diffrn.ambient_temp_details   ? 
# 
_refine.entry_id                                 2BLM 
_refine.ls_number_reflns_obs                     27330 
_refine.ls_number_reflns_all                     ? 
_refine.pdbx_ls_sigma_I                          ? 
_refine.pdbx_ls_sigma_F                          3.0 
_refine.pdbx_data_cutoff_high_absF               ? 
_refine.pdbx_data_cutoff_low_absF                ? 
_refine.pdbx_data_cutoff_high_rms_absF           ? 
_refine.ls_d_res_low                             10.0 
_refine.ls_d_res_high                            2.0 
_refine.ls_percent_reflns_obs                    ? 
_refine.ls_R_factor_obs                          0.2080000 
_refine.ls_R_factor_all                          ? 
_refine.ls_R_factor_R_work                       ? 
_refine.ls_R_factor_R_free                       ? 
_refine.ls_R_factor_R_free_error                 ? 
_refine.ls_R_factor_R_free_error_details         ? 
_refine.ls_percent_reflns_R_free                 ? 
_refine.ls_number_reflns_R_free                  ? 
_refine.ls_number_parameters                     ? 
_refine.ls_number_restraints                     ? 
_refine.occupancy_min                            ? 
_refine.occupancy_max                            ? 
_refine.B_iso_mean                               ? 
_refine.aniso_B[1][1]                            ? 
_refine.aniso_B[2][2]                            ? 
_refine.aniso_B[3][3]                            ? 
_refine.aniso_B[1][2]                            ? 
_refine.aniso_B[1][3]                            ? 
_refine.aniso_B[2][3]                            ? 
_refine.solvent_model_details                    ? 
_refine.solvent_model_param_ksol                 ? 
_refine.solvent_model_param_bsol                 ? 
_refine.pdbx_ls_cross_valid_method               ? 
_refine.details                                  ? 
_refine.pdbx_starting_model                      ? 
_refine.pdbx_method_to_determine_struct          ? 
_refine.pdbx_isotropic_thermal_model             ? 
_refine.pdbx_stereochemistry_target_values       ? 
_refine.pdbx_stereochem_target_val_spec_case     ? 
_refine.pdbx_R_Free_selection_details            ? 
_refine.pdbx_overall_ESU_R                       ? 
_refine.pdbx_overall_ESU_R_Free                  ? 
_refine.overall_SU_ML                            ? 
_refine.overall_SU_B                             ? 
_refine.pdbx_refine_id                           'X-RAY DIFFRACTION' 
_refine.pdbx_diffrn_id                           1 
_refine.pdbx_TLS_residual_ADP_flag               ? 
_refine.correlation_coeff_Fo_to_Fc               ? 
_refine.correlation_coeff_Fo_to_Fc_free          ? 
_refine.pdbx_solvent_vdw_probe_radii             ? 
_refine.pdbx_solvent_ion_probe_radii             ? 
_refine.pdbx_solvent_shrinkage_radii             ? 
_refine.pdbx_overall_phase_error                 ? 
_refine.overall_SU_R_Cruickshank_DPI             ? 
_refine.pdbx_overall_SU_R_free_Cruickshank_DPI   ? 
_refine.pdbx_overall_SU_R_Blow_DPI               ? 
_refine.pdbx_overall_SU_R_free_Blow_DPI          ? 
# 
_refine_hist.pdbx_refine_id                   'X-RAY DIFFRACTION' 
_refine_hist.cycle_id                         LAST 
_refine_hist.pdbx_number_atoms_protein        520 
_refine_hist.pdbx_number_atoms_nucleic_acid   0 
_refine_hist.pdbx_number_atoms_ligand         0 
_refine_hist.number_atoms_solvent             0 
_refine_hist.number_atoms_total               520 
_refine_hist.d_res_high                       2.0 
_refine_hist.d_res_low                        10.0 
# 
loop_
_refine_ls_restr.type 
_refine_ls_restr.dev_ideal 
_refine_ls_restr.dev_ideal_target 
_refine_ls_restr.weight 
_refine_ls_restr.number 
_refine_ls_restr.pdbx_refine_id 
_refine_ls_restr.pdbx_restraint_function 
p_bond_d            0.014 0.014 ? ? 'X-RAY DIFFRACTION' ? 
p_angle_d           0.046 0.027 ? ? 'X-RAY DIFFRACTION' ? 
p_angle_deg         ?     ?     ? ? 'X-RAY DIFFRACTION' ? 
p_planar_d          0.018 0.016 ? ? 'X-RAY DIFFRACTION' ? 
p_hb_or_metal_coord ?     ?     ? ? 'X-RAY DIFFRACTION' ? 
p_mcbond_it         1.6   1.500 ? ? 'X-RAY DIFFRACTION' ? 
p_mcangle_it        2.3   2.000 ? ? 'X-RAY DIFFRACTION' ? 
p_scbond_it         3.0   2.000 ? ? 'X-RAY DIFFRACTION' ? 
p_scangle_it        4.4   3.000 ? ? 'X-RAY DIFFRACTION' ? 
p_plane_restr       ?     ?     ? ? 'X-RAY DIFFRACTION' ? 
p_chiral_restr      0.210 0.130 ? ? 'X-RAY DIFFRACTION' ? 
p_singtor_nbd       0.170 0.350 ? ? 'X-RAY DIFFRACTION' ? 
p_multtor_nbd       0.200 0.350 ? ? 'X-RAY DIFFRACTION' ? 
p_xhyhbond_nbd      0.180 0.350 ? ? 'X-RAY DIFFRACTION' ? 
p_xyhbond_nbd       ?     ?     ? ? 'X-RAY DIFFRACTION' ? 
p_planar_tor        3.5   2.5   ? ? 'X-RAY DIFFRACTION' ? 
p_staggered_tor     22.8  30.0  ? ? 'X-RAY DIFFRACTION' ? 
p_orthonormal_tor   24.6  30.0  ? ? 'X-RAY DIFFRACTION' ? 
p_transverse_tor    ?     ?     ? ? 'X-RAY DIFFRACTION' ? 
p_special_tor       ?     ?     ? ? 'X-RAY DIFFRACTION' ? 
# 
_struct_ncs_oper.id             1 
_struct_ncs_oper.code           given 
_struct_ncs_oper.details        ? 
_struct_ncs_oper.matrix[1][1]   -0.15588116 
_struct_ncs_oper.matrix[1][2]   0.74863694 
_struct_ncs_oper.matrix[1][3]   -0.64439012 
_struct_ncs_oper.matrix[2][1]   0.74853015 
_struct_ncs_oper.matrix[2][2]   -0.33613708 
_struct_ncs_oper.matrix[2][3]   -0.57159236 
_struct_ncs_oper.matrix[3][1]   -0.64451973 
_struct_ncs_oper.matrix[3][2]   -0.57145272 
_struct_ncs_oper.matrix[3][3]   -0.50798175 
_struct_ncs_oper.vector[1]      15.56804 
_struct_ncs_oper.vector[2]      13.80177 
_struct_ncs_oper.vector[3]      -11.88462 
# 
_struct.entry_id                  2BLM 
_struct.title                     'BETA-LACTAMASE OF BACILLUS LICHENIFORMIS 749(SLASH)C AT 2 ANGSTROMS RESOLUTION' 
_struct.pdbx_model_details        ? 
_struct.pdbx_CASP_flag            ? 
_struct.pdbx_model_type_details   ? 
# 
_struct_keywords.entry_id        2BLM 
_struct_keywords.pdbx_keywords   'HYDROLASE(ACTING IN CYCLIC AMIDES)' 
_struct_keywords.text            'HYDROLASE(ACTING IN CYCLIC AMIDES)' 
# 
loop_
_struct_asym.id 
_struct_asym.pdbx_blank_PDB_chainid_flag 
_struct_asym.pdbx_modified 
_struct_asym.entity_id 
_struct_asym.details 
A N N 1 ? 
B N N 1 ? 
# 
_struct_ref.id                         1 
_struct_ref.db_name                    UNP 
_struct_ref.db_code                    BLAC_BACLI 
_struct_ref.entity_id                  1 
_struct_ref.pdbx_db_accession          P00808 
_struct_ref.pdbx_align_begin           1 
_struct_ref.pdbx_seq_one_letter_code   
;MKLWFSTLKLKKAAAVLLFSCVALAGCANNQTNASQPAEKNEKTEMKDDFAKLEEQFDAKLGIFALDTGTNRTVAYRPDE
RFAFASTIKALTVGVLLQQKSIEDLNQRITYTRDDLVNYNPITEKHVDTGMTLKELADASLRYSDNAAQNLILKQIGGPE
SLKKELRKIGDEVTNPERFEPELNEVNPGETQDTSTARALVTSLRAFALEDKLPSEKRELLIDWMKRNTTGDALIRAGVP
DGWEVADKTGAASYGTRNDIAIIWPPKGDPVVLAVLSSRDKKDAKYDDKLIAEATKVVMKALNMNGK
;
_struct_ref.pdbx_db_isoform            ? 
# 
loop_
_struct_ref_seq.align_id 
_struct_ref_seq.ref_id 
_struct_ref_seq.pdbx_PDB_id_code 
_struct_ref_seq.pdbx_strand_id 
_struct_ref_seq.seq_align_beg 
_struct_ref_seq.pdbx_seq_align_beg_ins_code 
_struct_ref_seq.seq_align_end 
_struct_ref_seq.pdbx_seq_align_end_ins_code 
_struct_ref_seq.pdbx_db_accession 
_struct_ref_seq.db_align_beg 
_struct_ref_seq.pdbx_db_align_beg_ins_code 
_struct_ref_seq.db_align_end 
_struct_ref_seq.pdbx_db_align_end_ins_code 
_struct_ref_seq.pdbx_auth_seq_align_beg 
_struct_ref_seq.pdbx_auth_seq_align_end 
1 1 2BLM A 1 ? 265 ? P00808 43 ? 307 ? 26 295 
2 1 2BLM B 1 ? 265 ? P00808 43 ? 307 ? 26 295 
# 
loop_
_pdbx_struct_assembly.id 
_pdbx_struct_assembly.details 
_pdbx_struct_assembly.method_details 
_pdbx_struct_assembly.oligomeric_details 
_pdbx_struct_assembly.oligomeric_count 
1 author_defined_assembly ? monomeric 1 
2 author_defined_assembly ? monomeric 1 
# 
loop_
_pdbx_struct_assembly_gen.assembly_id 
_pdbx_struct_assembly_gen.oper_expression 
_pdbx_struct_assembly_gen.asym_id_list 
1 1 A 
2 1 B 
# 
_pdbx_struct_oper_list.id                   1 
_pdbx_struct_oper_list.type                 'identity operation' 
_pdbx_struct_oper_list.name                 1_555 
_pdbx_struct_oper_list.symmetry_operation   x,y,z 
_pdbx_struct_oper_list.matrix[1][1]         1.0000000000 
_pdbx_struct_oper_list.matrix[1][2]         0.0000000000 
_pdbx_struct_oper_list.matrix[1][3]         0.0000000000 
_pdbx_struct_oper_list.vector[1]            0.0000000000 
_pdbx_struct_oper_list.matrix[2][1]         0.0000000000 
_pdbx_struct_oper_list.matrix[2][2]         1.0000000000 
_pdbx_struct_oper_list.matrix[2][3]         0.0000000000 
_pdbx_struct_oper_list.vector[2]            0.0000000000 
_pdbx_struct_oper_list.matrix[3][1]         0.0000000000 
_pdbx_struct_oper_list.matrix[3][2]         0.0000000000 
_pdbx_struct_oper_list.matrix[3][3]         1.0000000000 
_pdbx_struct_oper_list.vector[3]            0.0000000000 
# 
loop_
_struct_biol.id 
1 
2 
# 
loop_
_struct_conf.conf_type_id 
_struct_conf.id 
_struct_conf.pdbx_PDB_helix_id 
_struct_conf.beg_label_comp_id 
_struct_conf.beg_label_asym_id 
_struct_conf.beg_label_seq_id 
_struct_conf.pdbx_beg_PDB_ins_code 
_struct_conf.end_label_comp_id 
_struct_conf.end_label_asym_id 
_struct_conf.end_label_seq_id 
_struct_conf.pdbx_end_PDB_ins_code 
_struct_conf.beg_auth_comp_id 
_struct_conf.beg_auth_asym_id 
_struct_conf.beg_auth_seq_id 
_struct_conf.end_auth_comp_id 
_struct_conf.end_auth_asym_id 
_struct_conf.end_auth_seq_id 
_struct_conf.pdbx_PDB_helix_class 
_struct_conf.details 
_struct_conf.pdbx_PDB_helix_length 
HELX_P HELX_P1  A1  ASP A 6   ? ASP A 16  ? ASP A 31  ASP A 41  1 ?                  11 
HELX_P HELX_P2  A2  SER A 44  ? LYS A 58  ? SER A 70  LYS A 86  1 ?                  15 
HELX_P HELX_P3  A2S SER A 59  ? ASN A 64  ? SER A 87  ASN A 92  1 'SINGLE TURN ONLY' 6  
HELX_P HELX_P4  A3  ASN A 78  ? HIS A 84  ? ASN A 106 HIS A 112 1 ?                  7  
HELX_P HELX_P5  A4  LYS A 92  ? TYR A 101 ? LYS A 120 TYR A 129 1 ?                  10 
HELX_P HELX_P6  A5  ASP A 103 ? ILE A 114 ? ASP A 131 ILE A 142 1 ?                  12 
HELX_P HELX_P7  A6  GLY A 116 ? LYS A 126 ? GLY A 144 LYS A 154 1 ?                  11 
HELX_P HELX_P8  A7  GLU A 138 ? VAL A 144 ? GLU A 166 VAL A 172 1 ?                  7  
HELX_P HELX_P9  A8  ARG A 156 ? GLU A 168 ? ARG A 184 GLU A 196 1 ?                  13 
HELX_P HELX_P10 A9  SER A 173 ? LYS A 184 ? SER A 201 LYS A 212 1 ?                  12 
HELX_P HELX_P11 A10 ASP A 190 ? VAL A 197 ? ASP A 218 VAL A 225 1 ?                  8  
HELX_P HELX_P12 A11 ASP A 246 ? ASN A 261 ? ASP A 276 ASN A 291 1 ?                  16 
HELX_P HELX_P13 B1  ASP B 6   ? ASP B 16  ? ASP B 31  ASP B 41  1 ?                  11 
HELX_P HELX_P14 B2  SER B 44  ? LYS B 58  ? SER B 70  LYS B 86  1 ?                  15 
HELX_P HELX_P15 B2S SER B 59  ? ASN B 64  ? SER B 87  ASN B 92  1 'SINGLE TURN ONLY' 6  
HELX_P HELX_P16 B3  ASN B 78  ? HIS B 84  ? ASN B 106 HIS B 112 1 ?                  7  
HELX_P HELX_P17 B4  LYS B 92  ? TYR B 101 ? LYS B 120 TYR B 129 1 ?                  10 
HELX_P HELX_P18 B5  ASP B 103 ? ILE B 114 ? ASP B 131 ILE B 142 1 ?                  12 
HELX_P HELX_P19 B6  GLY B 116 ? LYS B 126 ? GLY B 144 LYS B 154 1 ?                  11 
HELX_P HELX_P20 B7  GLU B 138 ? VAL B 144 ? GLU B 166 VAL B 172 1 ?                  7  
HELX_P HELX_P21 B8  ARG B 156 ? GLU B 168 ? ARG B 184 GLU B 196 1 ?                  13 
HELX_P HELX_P22 B9  SER B 173 ? LYS B 184 ? SER B 201 LYS B 212 1 ?                  12 
HELX_P HELX_P23 B10 ASP B 190 ? VAL B 197 ? ASP B 218 VAL B 225 1 ?                  8  
HELX_P HELX_P24 B11 ASP B 246 ? ASN B 261 ? ASP B 276 ASN B 291 1 ?                  16 
# 
_struct_conf_type.id          HELX_P 
_struct_conf_type.criteria    ? 
_struct_conf_type.reference   ? 
# 
loop_
_struct_sheet.id 
_struct_sheet.type 
_struct_sheet.number_strands 
_struct_sheet.details 
S1A ? 5 ? 
S2A ? 3 ? 
S1B ? 5 ? 
S2B ? 3 ? 
# 
loop_
_struct_sheet_order.sheet_id 
_struct_sheet_order.range_id_1 
_struct_sheet_order.range_id_2 
_struct_sheet_order.offset 
_struct_sheet_order.sense 
S1A 1 2 ? anti-parallel 
S1A 2 3 ? parallel      
S1A 3 4 ? anti-parallel 
S1A 4 5 ? parallel      
S2A 1 2 ? anti-parallel 
S2A 2 3 ? parallel      
S1B 1 2 ? anti-parallel 
S1B 2 3 ? parallel      
S1B 3 4 ? anti-parallel 
S1B 4 5 ? parallel      
S2B 1 2 ? anti-parallel 
S2B 2 3 ? parallel      
# 
loop_
_struct_sheet_range.sheet_id 
_struct_sheet_range.id 
_struct_sheet_range.beg_label_comp_id 
_struct_sheet_range.beg_label_asym_id 
_struct_sheet_range.beg_label_seq_id 
_struct_sheet_range.pdbx_beg_PDB_ins_code 
_struct_sheet_range.end_label_comp_id 
_struct_sheet_range.end_label_asym_id 
_struct_sheet_range.end_label_seq_id 
_struct_sheet_range.pdbx_end_PDB_ins_code 
_struct_sheet_range.beg_auth_comp_id 
_struct_sheet_range.beg_auth_asym_id 
_struct_sheet_range.beg_auth_seq_id 
_struct_sheet_range.end_auth_comp_id 
_struct_sheet_range.end_auth_asym_id 
_struct_sheet_range.end_auth_seq_id 
S1A 1 ASN A 29  ? TYR A 34  ? ASN A 54  TYR A 60  
S1A 2 LYS A 18  ? THR A 26  ? LYS A 43  THR A 51  
S1A 3 ASP A 227 ? ASP A 238 ? ASP A 257 ASP A 268 
S1A 4 GLY A 213 ? PRO A 223 ? GLY A 242 PRO A 252 
S1A 5 TRP A 201 ? SER A 211 ? TRP A 229 SER A 240 
S2A 1 ASP A 37  ? PHE A 40  ? ASP A 63  PHE A 66  
S2A 2 GLN A 150 ? ALA A 155 ? GLN A 178 ALA A 183 
S2A 3 VAL A 131 ? GLU A 135 ? VAL A 159 GLU A 163 
S1B 1 ASN B 29  ? TYR B 34  ? ASN B 54  TYR B 60  
S1B 2 LYS B 18  ? THR B 26  ? LYS B 43  THR B 51  
S1B 3 ASP B 227 ? ASP B 238 ? ASP B 257 ASP B 268 
S1B 4 GLY B 213 ? PRO B 223 ? GLY B 242 PRO B 252 
S1B 5 TRP B 201 ? SER B 211 ? TRP B 229 SER B 240 
S2B 1 ASP B 37  ? PHE B 40  ? ASP B 63  PHE B 66  
S2B 2 GLN B 150 ? ALA B 155 ? GLN B 178 ALA B 183 
S2B 3 VAL B 131 ? GLU B 135 ? VAL B 159 GLU B 163 
# 
loop_
_struct_site.id 
_struct_site.pdbx_evidence_code 
_struct_site.pdbx_auth_asym_id 
_struct_site.pdbx_auth_comp_id 
_struct_site.pdbx_auth_seq_id 
_struct_site.pdbx_auth_ins_code 
_struct_site.pdbx_num_residues 
_struct_site.details 
CTA Author ? ? ? ? 6 
;THE CATALYTIC SITE IS CENTERED AROUND SER 70 AT THE N-TERMINUS OF HELIX A2. STRAND 5 OF SHEET *S1* CONTAINS IMPORTANT RESIDUES LYS 234 AND THR 235. INVARIANT RESIDUE GLU 166 PLAYS A ROLE IN HYDROLYSIS.
;
CTB Author ? ? ? ? 6 
;THE CATALYTIC SITE IS CENTERED AROUND SER 70 AT THE N-TERMINUS OF HELIX A2. STRAND 5 OF SHEET *S1* CONTAINS IMPORTANT RESIDUES LYS 234 AND THR 235. INVARIANT RESIDUE GLU 166 PLAYS A ROLE IN HYDROLYSIS.
;
# 
loop_
_struct_site_gen.id 
_struct_site_gen.site_id 
_struct_site_gen.pdbx_num_res 
_struct_site_gen.label_comp_id 
_struct_site_gen.label_asym_id 
_struct_site_gen.label_seq_id 
_struct_site_gen.pdbx_auth_ins_code 
_struct_site_gen.auth_comp_id 
_struct_site_gen.auth_asym_id 
_struct_site_gen.auth_seq_id 
_struct_site_gen.label_atom_id 
_struct_site_gen.label_alt_id 
_struct_site_gen.symmetry 
_struct_site_gen.details 
1  CTA 6 SER A 44  ? SER A 70  . ? 1_555 ? 
2  CTA 6 LYS A 47  ? LYS A 73  . ? 1_555 ? 
3  CTA 6 SER A 102 ? SER A 130 . ? 1_555 ? 
4  CTA 6 GLU A 138 ? GLU A 166 . ? 1_555 ? 
5  CTA 6 LYS A 206 ? LYS A 234 . ? 1_555 ? 
6  CTA 6 THR A 207 ? THR A 235 . ? 1_555 ? 
7  CTB 6 SER B 44  ? SER B 70  . ? 1_555 ? 
8  CTB 6 LYS B 47  ? LYS B 73  . ? 1_555 ? 
9  CTB 6 SER B 102 ? SER B 130 . ? 1_555 ? 
10 CTB 6 GLU B 138 ? GLU B 166 . ? 1_555 ? 
11 CTB 6 LYS B 206 ? LYS B 234 . ? 1_555 ? 
12 CTB 6 THR B 207 ? THR B 235 . ? 1_555 ? 
# 
loop_
_pdbx_unobs_or_zero_occ_residues.id 
_pdbx_unobs_or_zero_occ_residues.PDB_model_num 
_pdbx_unobs_or_zero_occ_residues.polymer_flag 
_pdbx_unobs_or_zero_occ_residues.occupancy_flag 
_pdbx_unobs_or_zero_occ_residues.auth_asym_id 
_pdbx_unobs_or_zero_occ_residues.auth_comp_id 
_pdbx_unobs_or_zero_occ_residues.auth_seq_id 
_pdbx_unobs_or_zero_occ_residues.PDB_ins_code 
_pdbx_unobs_or_zero_occ_residues.label_asym_id 
_pdbx_unobs_or_zero_occ_residues.label_comp_id 
_pdbx_unobs_or_zero_occ_residues.label_seq_id 
1  1 Y 1 A LYS 26 ? A LYS 1 
2  1 Y 1 A THR 27 ? A THR 2 
3  1 Y 1 A GLU 28 ? A GLU 3 
4  1 Y 1 A MET 29 ? A MET 4 
5  1 Y 1 A LYS 30 ? A LYS 5 
6  1 Y 1 B LYS 26 ? B LYS 1 
7  1 Y 1 B THR 27 ? B THR 2 
8  1 Y 1 B GLU 28 ? B GLU 3 
9  1 Y 1 B MET 29 ? B MET 4 
10 1 Y 1 B LYS 30 ? B LYS 5 
# 
loop_
_chem_comp_atom.comp_id 
_chem_comp_atom.atom_id 
_chem_comp_atom.type_symbol 
_chem_comp_atom.pdbx_aromatic_flag 
_chem_comp_atom.pdbx_stereo_config 
_chem_comp_atom.pdbx_ordinal 
ALA N    N N N 1   
ALA CA   C N S 2   
ALA C    C N N 3   
ALA O    O N N 4   
ALA CB   C N N 5   
ALA OXT  O N N 6   
ALA H    H N N 7   
ALA H2   H N N 8   
ALA HA   H N N 9   
ALA HB1  H N N 10  
ALA HB2  H N N 11  
ALA HB3  H N N 12  
ALA HXT  H N N 13  
ARG N    N N N 14  
ARG CA   C N S 15  
ARG C    C N N 16  
ARG O    O N N 17  
ARG CB   C N N 18  
ARG CG   C N N 19  
ARG CD   C N N 20  
ARG NE   N N N 21  
ARG CZ   C N N 22  
ARG NH1  N N N 23  
ARG NH2  N N N 24  
ARG OXT  O N N 25  
ARG H    H N N 26  
ARG H2   H N N 27  
ARG HA   H N N 28  
ARG HB2  H N N 29  
ARG HB3  H N N 30  
ARG HG2  H N N 31  
ARG HG3  H N N 32  
ARG HD2  H N N 33  
ARG HD3  H N N 34  
ARG HE   H N N 35  
ARG HH11 H N N 36  
ARG HH12 H N N 37  
ARG HH21 H N N 38  
ARG HH22 H N N 39  
ARG HXT  H N N 40  
ASN N    N N N 41  
ASN CA   C N S 42  
ASN C    C N N 43  
ASN O    O N N 44  
ASN CB   C N N 45  
ASN CG   C N N 46  
ASN OD1  O N N 47  
ASN ND2  N N N 48  
ASN OXT  O N N 49  
ASN H    H N N 50  
ASN H2   H N N 51  
ASN HA   H N N 52  
ASN HB2  H N N 53  
ASN HB3  H N N 54  
ASN HD21 H N N 55  
ASN HD22 H N N 56  
ASN HXT  H N N 57  
ASP N    N N N 58  
ASP CA   C N S 59  
ASP C    C N N 60  
ASP O    O N N 61  
ASP CB   C N N 62  
ASP CG   C N N 63  
ASP OD1  O N N 64  
ASP OD2  O N N 65  
ASP OXT  O N N 66  
ASP H    H N N 67  
ASP H2   H N N 68  
ASP HA   H N N 69  
ASP HB2  H N N 70  
ASP HB3  H N N 71  
ASP HD2  H N N 72  
ASP HXT  H N N 73  
GLN N    N N N 74  
GLN CA   C N S 75  
GLN C    C N N 76  
GLN O    O N N 77  
GLN CB   C N N 78  
GLN CG   C N N 79  
GLN CD   C N N 80  
GLN OE1  O N N 81  
GLN NE2  N N N 82  
GLN OXT  O N N 83  
GLN H    H N N 84  
GLN H2   H N N 85  
GLN HA   H N N 86  
GLN HB2  H N N 87  
GLN HB3  H N N 88  
GLN HG2  H N N 89  
GLN HG3  H N N 90  
GLN HE21 H N N 91  
GLN HE22 H N N 92  
GLN HXT  H N N 93  
GLU N    N N N 94  
GLU CA   C N S 95  
GLU C    C N N 96  
GLU O    O N N 97  
GLU CB   C N N 98  
GLU CG   C N N 99  
GLU CD   C N N 100 
GLU OE1  O N N 101 
GLU OE2  O N N 102 
GLU OXT  O N N 103 
GLU H    H N N 104 
GLU H2   H N N 105 
GLU HA   H N N 106 
GLU HB2  H N N 107 
GLU HB3  H N N 108 
GLU HG2  H N N 109 
GLU HG3  H N N 110 
GLU HE2  H N N 111 
GLU HXT  H N N 112 
GLY N    N N N 113 
GLY CA   C N N 114 
GLY C    C N N 115 
GLY O    O N N 116 
GLY OXT  O N N 117 
GLY H    H N N 118 
GLY H2   H N N 119 
GLY HA2  H N N 120 
GLY HA3  H N N 121 
GLY HXT  H N N 122 
HIS N    N N N 123 
HIS CA   C N S 124 
HIS C    C N N 125 
HIS O    O N N 126 
HIS CB   C N N 127 
HIS CG   C Y N 128 
HIS ND1  N Y N 129 
HIS CD2  C Y N 130 
HIS CE1  C Y N 131 
HIS NE2  N Y N 132 
HIS OXT  O N N 133 
HIS H    H N N 134 
HIS H2   H N N 135 
HIS HA   H N N 136 
HIS HB2  H N N 137 
HIS HB3  H N N 138 
HIS HD1  H N N 139 
HIS HD2  H N N 140 
HIS HE1  H N N 141 
HIS HE2  H N N 142 
HIS HXT  H N N 143 
ILE N    N N N 144 
ILE CA   C N S 145 
ILE C    C N N 146 
ILE O    O N N 147 
ILE CB   C N S 148 
ILE CG1  C N N 149 
ILE CG2  C N N 150 
ILE CD1  C N N 151 
ILE OXT  O N N 152 
ILE H    H N N 153 
ILE H2   H N N 154 
ILE HA   H N N 155 
ILE HB   H N N 156 
ILE HG12 H N N 157 
ILE HG13 H N N 158 
ILE HG21 H N N 159 
ILE HG22 H N N 160 
ILE HG23 H N N 161 
ILE HD11 H N N 162 
ILE HD12 H N N 163 
ILE HD13 H N N 164 
ILE HXT  H N N 165 
LEU N    N N N 166 
LEU CA   C N S 167 
LEU C    C N N 168 
LEU O    O N N 169 
LEU CB   C N N 170 
LEU CG   C N N 171 
LEU CD1  C N N 172 
LEU CD2  C N N 173 
LEU OXT  O N N 174 
LEU H    H N N 175 
LEU H2   H N N 176 
LEU HA   H N N 177 
LEU HB2  H N N 178 
LEU HB3  H N N 179 
LEU HG   H N N 180 
LEU HD11 H N N 181 
LEU HD12 H N N 182 
LEU HD13 H N N 183 
LEU HD21 H N N 184 
LEU HD22 H N N 185 
LEU HD23 H N N 186 
LEU HXT  H N N 187 
LYS N    N N N 188 
LYS CA   C N S 189 
LYS C    C N N 190 
LYS O    O N N 191 
LYS CB   C N N 192 
LYS CG   C N N 193 
LYS CD   C N N 194 
LYS CE   C N N 195 
LYS NZ   N N N 196 
LYS OXT  O N N 197 
LYS H    H N N 198 
LYS H2   H N N 199 
LYS HA   H N N 200 
LYS HB2  H N N 201 
LYS HB3  H N N 202 
LYS HG2  H N N 203 
LYS HG3  H N N 204 
LYS HD2  H N N 205 
LYS HD3  H N N 206 
LYS HE2  H N N 207 
LYS HE3  H N N 208 
LYS HZ1  H N N 209 
LYS HZ2  H N N 210 
LYS HZ3  H N N 211 
LYS HXT  H N N 212 
MET N    N N N 213 
MET CA   C N S 214 
MET C    C N N 215 
MET O    O N N 216 
MET CB   C N N 217 
MET CG   C N N 218 
MET SD   S N N 219 
MET CE   C N N 220 
MET OXT  O N N 221 
MET H    H N N 222 
MET H2   H N N 223 
MET HA   H N N 224 
MET HB2  H N N 225 
MET HB3  H N N 226 
MET HG2  H N N 227 
MET HG3  H N N 228 
MET HE1  H N N 229 
MET HE2  H N N 230 
MET HE3  H N N 231 
MET HXT  H N N 232 
PHE N    N N N 233 
PHE CA   C N S 234 
PHE C    C N N 235 
PHE O    O N N 236 
PHE CB   C N N 237 
PHE CG   C Y N 238 
PHE CD1  C Y N 239 
PHE CD2  C Y N 240 
PHE CE1  C Y N 241 
PHE CE2  C Y N 242 
PHE CZ   C Y N 243 
PHE OXT  O N N 244 
PHE H    H N N 245 
PHE H2   H N N 246 
PHE HA   H N N 247 
PHE HB2  H N N 248 
PHE HB3  H N N 249 
PHE HD1  H N N 250 
PHE HD2  H N N 251 
PHE HE1  H N N 252 
PHE HE2  H N N 253 
PHE HZ   H N N 254 
PHE HXT  H N N 255 
PRO N    N N N 256 
PRO CA   C N S 257 
PRO C    C N N 258 
PRO O    O N N 259 
PRO CB   C N N 260 
PRO CG   C N N 261 
PRO CD   C N N 262 
PRO OXT  O N N 263 
PRO H    H N N 264 
PRO HA   H N N 265 
PRO HB2  H N N 266 
PRO HB3  H N N 267 
PRO HG2  H N N 268 
PRO HG3  H N N 269 
PRO HD2  H N N 270 
PRO HD3  H N N 271 
PRO HXT  H N N 272 
SER N    N N N 273 
SER CA   C N S 274 
SER C    C N N 275 
SER O    O N N 276 
SER CB   C N N 277 
SER OG   O N N 278 
SER OXT  O N N 279 
SER H    H N N 280 
SER H2   H N N 281 
SER HA   H N N 282 
SER HB2  H N N 283 
SER HB3  H N N 284 
SER HG   H N N 285 
SER HXT  H N N 286 
THR N    N N N 287 
THR CA   C N S 288 
THR C    C N N 289 
THR O    O N N 290 
THR CB   C N R 291 
THR OG1  O N N 292 
THR CG2  C N N 293 
THR OXT  O N N 294 
THR H    H N N 295 
THR H2   H N N 296 
THR HA   H N N 297 
THR HB   H N N 298 
THR HG1  H N N 299 
THR HG21 H N N 300 
THR HG22 H N N 301 
THR HG23 H N N 302 
THR HXT  H N N 303 
TRP N    N N N 304 
TRP CA   C N S 305 
TRP C    C N N 306 
TRP O    O N N 307 
TRP CB   C N N 308 
TRP CG   C Y N 309 
TRP CD1  C Y N 310 
TRP CD2  C Y N 311 
TRP NE1  N Y N 312 
TRP CE2  C Y N 313 
TRP CE3  C Y N 314 
TRP CZ2  C Y N 315 
TRP CZ3  C Y N 316 
TRP CH2  C Y N 317 
TRP OXT  O N N 318 
TRP H    H N N 319 
TRP H2   H N N 320 
TRP HA   H N N 321 
TRP HB2  H N N 322 
TRP HB3  H N N 323 
TRP HD1  H N N 324 
TRP HE1  H N N 325 
TRP HE3  H N N 326 
TRP HZ2  H N N 327 
TRP HZ3  H N N 328 
TRP HH2  H N N 329 
TRP HXT  H N N 330 
TYR N    N N N 331 
TYR CA   C N S 332 
TYR C    C N N 333 
TYR O    O N N 334 
TYR CB   C N N 335 
TYR CG   C Y N 336 
TYR CD1  C Y N 337 
TYR CD2  C Y N 338 
TYR CE1  C Y N 339 
TYR CE2  C Y N 340 
TYR CZ   C Y N 341 
TYR OH   O N N 342 
TYR OXT  O N N 343 
TYR H    H N N 344 
TYR H2   H N N 345 
TYR HA   H N N 346 
TYR HB2  H N N 347 
TYR HB3  H N N 348 
TYR HD1  H N N 349 
TYR HD2  H N N 350 
TYR HE1  H N N 351 
TYR HE2  H N N 352 
TYR HH   H N N 353 
TYR HXT  H N N 354 
VAL N    N N N 355 
VAL CA   C N S 356 
VAL C    C N N 357 
VAL O    O N N 358 
VAL CB   C N N 359 
VAL CG1  C N N 360 
VAL CG2  C N N 361 
VAL OXT  O N N 362 
VAL H    H N N 363 
VAL H2   H N N 364 
VAL HA   H N N 365 
VAL HB   H N N 366 
VAL HG11 H N N 367 
VAL HG12 H N N 368 
VAL HG13 H N N 369 
VAL HG21 H N N 370 
VAL HG22 H N N 371 
VAL HG23 H N N 372 
VAL HXT  H N N 373 
# 
loop_
_chem_comp_bond.comp_id 
_chem_comp_bond.atom_id_1 
_chem_comp_bond.atom_id_2 
_chem_comp_bond.value_order 
_chem_comp_bond.pdbx_aromatic_flag 
_chem_comp_bond.pdbx_stereo_config 
_chem_comp_bond.pdbx_ordinal 
ALA N   CA   sing N N 1   
ALA N   H    sing N N 2   
ALA N   H2   sing N N 3   
ALA CA  C    sing N N 4   
ALA CA  CB   sing N N 5   
ALA CA  HA   sing N N 6   
ALA C   O    doub N N 7   
ALA C   OXT  sing N N 8   
ALA CB  HB1  sing N N 9   
ALA CB  HB2  sing N N 10  
ALA CB  HB3  sing N N 11  
ALA OXT HXT  sing N N 12  
ARG N   CA   sing N N 13  
ARG N   H    sing N N 14  
ARG N   H2   sing N N 15  
ARG CA  C    sing N N 16  
ARG CA  CB   sing N N 17  
ARG CA  HA   sing N N 18  
ARG C   O    doub N N 19  
ARG C   OXT  sing N N 20  
ARG CB  CG   sing N N 21  
ARG CB  HB2  sing N N 22  
ARG CB  HB3  sing N N 23  
ARG CG  CD   sing N N 24  
ARG CG  HG2  sing N N 25  
ARG CG  HG3  sing N N 26  
ARG CD  NE   sing N N 27  
ARG CD  HD2  sing N N 28  
ARG CD  HD3  sing N N 29  
ARG NE  CZ   sing N N 30  
ARG NE  HE   sing N N 31  
ARG CZ  NH1  sing N N 32  
ARG CZ  NH2  doub N N 33  
ARG NH1 HH11 sing N N 34  
ARG NH1 HH12 sing N N 35  
ARG NH2 HH21 sing N N 36  
ARG NH2 HH22 sing N N 37  
ARG OXT HXT  sing N N 38  
ASN N   CA   sing N N 39  
ASN N   H    sing N N 40  
ASN N   H2   sing N N 41  
ASN CA  C    sing N N 42  
ASN CA  CB   sing N N 43  
ASN CA  HA   sing N N 44  
ASN C   O    doub N N 45  
ASN C   OXT  sing N N 46  
ASN CB  CG   sing N N 47  
ASN CB  HB2  sing N N 48  
ASN CB  HB3  sing N N 49  
ASN CG  OD1  doub N N 50  
ASN CG  ND2  sing N N 51  
ASN ND2 HD21 sing N N 52  
ASN ND2 HD22 sing N N 53  
ASN OXT HXT  sing N N 54  
ASP N   CA   sing N N 55  
ASP N   H    sing N N 56  
ASP N   H2   sing N N 57  
ASP CA  C    sing N N 58  
ASP CA  CB   sing N N 59  
ASP CA  HA   sing N N 60  
ASP C   O    doub N N 61  
ASP C   OXT  sing N N 62  
ASP CB  CG   sing N N 63  
ASP CB  HB2  sing N N 64  
ASP CB  HB3  sing N N 65  
ASP CG  OD1  doub N N 66  
ASP CG  OD2  sing N N 67  
ASP OD2 HD2  sing N N 68  
ASP OXT HXT  sing N N 69  
GLN N   CA   sing N N 70  
GLN N   H    sing N N 71  
GLN N   H2   sing N N 72  
GLN CA  C    sing N N 73  
GLN CA  CB   sing N N 74  
GLN CA  HA   sing N N 75  
GLN C   O    doub N N 76  
GLN C   OXT  sing N N 77  
GLN CB  CG   sing N N 78  
GLN CB  HB2  sing N N 79  
GLN CB  HB3  sing N N 80  
GLN CG  CD   sing N N 81  
GLN CG  HG2  sing N N 82  
GLN CG  HG3  sing N N 83  
GLN CD  OE1  doub N N 84  
GLN CD  NE2  sing N N 85  
GLN NE2 HE21 sing N N 86  
GLN NE2 HE22 sing N N 87  
GLN OXT HXT  sing N N 88  
GLU N   CA   sing N N 89  
GLU N   H    sing N N 90  
GLU N   H2   sing N N 91  
GLU CA  C    sing N N 92  
GLU CA  CB   sing N N 93  
GLU CA  HA   sing N N 94  
GLU C   O    doub N N 95  
GLU C   OXT  sing N N 96  
GLU CB  CG   sing N N 97  
GLU CB  HB2  sing N N 98  
GLU CB  HB3  sing N N 99  
GLU CG  CD   sing N N 100 
GLU CG  HG2  sing N N 101 
GLU CG  HG3  sing N N 102 
GLU CD  OE1  doub N N 103 
GLU CD  OE2  sing N N 104 
GLU OE2 HE2  sing N N 105 
GLU OXT HXT  sing N N 106 
GLY N   CA   sing N N 107 
GLY N   H    sing N N 108 
GLY N   H2   sing N N 109 
GLY CA  C    sing N N 110 
GLY CA  HA2  sing N N 111 
GLY CA  HA3  sing N N 112 
GLY C   O    doub N N 113 
GLY C   OXT  sing N N 114 
GLY OXT HXT  sing N N 115 
HIS N   CA   sing N N 116 
HIS N   H    sing N N 117 
HIS N   H2   sing N N 118 
HIS CA  C    sing N N 119 
HIS CA  CB   sing N N 120 
HIS CA  HA   sing N N 121 
HIS C   O    doub N N 122 
HIS C   OXT  sing N N 123 
HIS CB  CG   sing N N 124 
HIS CB  HB2  sing N N 125 
HIS CB  HB3  sing N N 126 
HIS CG  ND1  sing Y N 127 
HIS CG  CD2  doub Y N 128 
HIS ND1 CE1  doub Y N 129 
HIS ND1 HD1  sing N N 130 
HIS CD2 NE2  sing Y N 131 
HIS CD2 HD2  sing N N 132 
HIS CE1 NE2  sing Y N 133 
HIS CE1 HE1  sing N N 134 
HIS NE2 HE2  sing N N 135 
HIS OXT HXT  sing N N 136 
ILE N   CA   sing N N 137 
ILE N   H    sing N N 138 
ILE N   H2   sing N N 139 
ILE CA  C    sing N N 140 
ILE CA  CB   sing N N 141 
ILE CA  HA   sing N N 142 
ILE C   O    doub N N 143 
ILE C   OXT  sing N N 144 
ILE CB  CG1  sing N N 145 
ILE CB  CG2  sing N N 146 
ILE CB  HB   sing N N 147 
ILE CG1 CD1  sing N N 148 
ILE CG1 HG12 sing N N 149 
ILE CG1 HG13 sing N N 150 
ILE CG2 HG21 sing N N 151 
ILE CG2 HG22 sing N N 152 
ILE CG2 HG23 sing N N 153 
ILE CD1 HD11 sing N N 154 
ILE CD1 HD12 sing N N 155 
ILE CD1 HD13 sing N N 156 
ILE OXT HXT  sing N N 157 
LEU N   CA   sing N N 158 
LEU N   H    sing N N 159 
LEU N   H2   sing N N 160 
LEU CA  C    sing N N 161 
LEU CA  CB   sing N N 162 
LEU CA  HA   sing N N 163 
LEU C   O    doub N N 164 
LEU C   OXT  sing N N 165 
LEU CB  CG   sing N N 166 
LEU CB  HB2  sing N N 167 
LEU CB  HB3  sing N N 168 
LEU CG  CD1  sing N N 169 
LEU CG  CD2  sing N N 170 
LEU CG  HG   sing N N 171 
LEU CD1 HD11 sing N N 172 
LEU CD1 HD12 sing N N 173 
LEU CD1 HD13 sing N N 174 
LEU CD2 HD21 sing N N 175 
LEU CD2 HD22 sing N N 176 
LEU CD2 HD23 sing N N 177 
LEU OXT HXT  sing N N 178 
LYS N   CA   sing N N 179 
LYS N   H    sing N N 180 
LYS N   H2   sing N N 181 
LYS CA  C    sing N N 182 
LYS CA  CB   sing N N 183 
LYS CA  HA   sing N N 184 
LYS C   O    doub N N 185 
LYS C   OXT  sing N N 186 
LYS CB  CG   sing N N 187 
LYS CB  HB2  sing N N 188 
LYS CB  HB3  sing N N 189 
LYS CG  CD   sing N N 190 
LYS CG  HG2  sing N N 191 
LYS CG  HG3  sing N N 192 
LYS CD  CE   sing N N 193 
LYS CD  HD2  sing N N 194 
LYS CD  HD3  sing N N 195 
LYS CE  NZ   sing N N 196 
LYS CE  HE2  sing N N 197 
LYS CE  HE3  sing N N 198 
LYS NZ  HZ1  sing N N 199 
LYS NZ  HZ2  sing N N 200 
LYS NZ  HZ3  sing N N 201 
LYS OXT HXT  sing N N 202 
MET N   CA   sing N N 203 
MET N   H    sing N N 204 
MET N   H2   sing N N 205 
MET CA  C    sing N N 206 
MET CA  CB   sing N N 207 
MET CA  HA   sing N N 208 
MET C   O    doub N N 209 
MET C   OXT  sing N N 210 
MET CB  CG   sing N N 211 
MET CB  HB2  sing N N 212 
MET CB  HB3  sing N N 213 
MET CG  SD   sing N N 214 
MET CG  HG2  sing N N 215 
MET CG  HG3  sing N N 216 
MET SD  CE   sing N N 217 
MET CE  HE1  sing N N 218 
MET CE  HE2  sing N N 219 
MET CE  HE3  sing N N 220 
MET OXT HXT  sing N N 221 
PHE N   CA   sing N N 222 
PHE N   H    sing N N 223 
PHE N   H2   sing N N 224 
PHE CA  C    sing N N 225 
PHE CA  CB   sing N N 226 
PHE CA  HA   sing N N 227 
PHE C   O    doub N N 228 
PHE C   OXT  sing N N 229 
PHE CB  CG   sing N N 230 
PHE CB  HB2  sing N N 231 
PHE CB  HB3  sing N N 232 
PHE CG  CD1  doub Y N 233 
PHE CG  CD2  sing Y N 234 
PHE CD1 CE1  sing Y N 235 
PHE CD1 HD1  sing N N 236 
PHE CD2 CE2  doub Y N 237 
PHE CD2 HD2  sing N N 238 
PHE CE1 CZ   doub Y N 239 
PHE CE1 HE1  sing N N 240 
PHE CE2 CZ   sing Y N 241 
PHE CE2 HE2  sing N N 242 
PHE CZ  HZ   sing N N 243 
PHE OXT HXT  sing N N 244 
PRO N   CA   sing N N 245 
PRO N   CD   sing N N 246 
PRO N   H    sing N N 247 
PRO CA  C    sing N N 248 
PRO CA  CB   sing N N 249 
PRO CA  HA   sing N N 250 
PRO C   O    doub N N 251 
PRO C   OXT  sing N N 252 
PRO CB  CG   sing N N 253 
PRO CB  HB2  sing N N 254 
PRO CB  HB3  sing N N 255 
PRO CG  CD   sing N N 256 
PRO CG  HG2  sing N N 257 
PRO CG  HG3  sing N N 258 
PRO CD  HD2  sing N N 259 
PRO CD  HD3  sing N N 260 
PRO OXT HXT  sing N N 261 
SER N   CA   sing N N 262 
SER N   H    sing N N 263 
SER N   H2   sing N N 264 
SER CA  C    sing N N 265 
SER CA  CB   sing N N 266 
SER CA  HA   sing N N 267 
SER C   O    doub N N 268 
SER C   OXT  sing N N 269 
SER CB  OG   sing N N 270 
SER CB  HB2  sing N N 271 
SER CB  HB3  sing N N 272 
SER OG  HG   sing N N 273 
SER OXT HXT  sing N N 274 
THR N   CA   sing N N 275 
THR N   H    sing N N 276 
THR N   H2   sing N N 277 
THR CA  C    sing N N 278 
THR CA  CB   sing N N 279 
THR CA  HA   sing N N 280 
THR C   O    doub N N 281 
THR C   OXT  sing N N 282 
THR CB  OG1  sing N N 283 
THR CB  CG2  sing N N 284 
THR CB  HB   sing N N 285 
THR OG1 HG1  sing N N 286 
THR CG2 HG21 sing N N 287 
THR CG2 HG22 sing N N 288 
THR CG2 HG23 sing N N 289 
THR OXT HXT  sing N N 290 
TRP N   CA   sing N N 291 
TRP N   H    sing N N 292 
TRP N   H2   sing N N 293 
TRP CA  C    sing N N 294 
TRP CA  CB   sing N N 295 
TRP CA  HA   sing N N 296 
TRP C   O    doub N N 297 
TRP C   OXT  sing N N 298 
TRP CB  CG   sing N N 299 
TRP CB  HB2  sing N N 300 
TRP CB  HB3  sing N N 301 
TRP CG  CD1  doub Y N 302 
TRP CG  CD2  sing Y N 303 
TRP CD1 NE1  sing Y N 304 
TRP CD1 HD1  sing N N 305 
TRP CD2 CE2  doub Y N 306 
TRP CD2 CE3  sing Y N 307 
TRP NE1 CE2  sing Y N 308 
TRP NE1 HE1  sing N N 309 
TRP CE2 CZ2  sing Y N 310 
TRP CE3 CZ3  doub Y N 311 
TRP CE3 HE3  sing N N 312 
TRP CZ2 CH2  doub Y N 313 
TRP CZ2 HZ2  sing N N 314 
TRP CZ3 CH2  sing Y N 315 
TRP CZ3 HZ3  sing N N 316 
TRP CH2 HH2  sing N N 317 
TRP OXT HXT  sing N N 318 
TYR N   CA   sing N N 319 
TYR N   H    sing N N 320 
TYR N   H2   sing N N 321 
TYR CA  C    sing N N 322 
TYR CA  CB   sing N N 323 
TYR CA  HA   sing N N 324 
TYR C   O    doub N N 325 
TYR C   OXT  sing N N 326 
TYR CB  CG   sing N N 327 
TYR CB  HB2  sing N N 328 
TYR CB  HB3  sing N N 329 
TYR CG  CD1  doub Y N 330 
TYR CG  CD2  sing Y N 331 
TYR CD1 CE1  sing Y N 332 
TYR CD1 HD1  sing N N 333 
TYR CD2 CE2  doub Y N 334 
TYR CD2 HD2  sing N N 335 
TYR CE1 CZ   doub Y N 336 
TYR CE1 HE1  sing N N 337 
TYR CE2 CZ   sing Y N 338 
TYR CE2 HE2  sing N N 339 
TYR CZ  OH   sing N N 340 
TYR OH  HH   sing N N 341 
TYR OXT HXT  sing N N 342 
VAL N   CA   sing N N 343 
VAL N   H    sing N N 344 
VAL N   H2   sing N N 345 
VAL CA  C    sing N N 346 
VAL CA  CB   sing N N 347 
VAL CA  HA   sing N N 348 
VAL C   O    doub N N 349 
VAL C   OXT  sing N N 350 
VAL CB  CG1  sing N N 351 
VAL CB  CG2  sing N N 352 
VAL CB  HB   sing N N 353 
VAL CG1 HG11 sing N N 354 
VAL CG1 HG12 sing N N 355 
VAL CG1 HG13 sing N N 356 
VAL CG2 HG21 sing N N 357 
VAL CG2 HG22 sing N N 358 
VAL CG2 HG23 sing N N 359 
VAL OXT HXT  sing N N 360 
# 
loop_
_pdbx_coordinate_model.asym_id 
_pdbx_coordinate_model.type 
A 'CA ATOMS ONLY' 
B 'CA ATOMS ONLY' 
# 
_atom_sites.entry_id                    2BLM 
_atom_sites.fract_transf_matrix[1][1]   0.01007980 
_atom_sites.fract_transf_matrix[1][2]   0.00885990 
_atom_sites.fract_transf_matrix[1][3]   -0.00768070 
_atom_sites.fract_transf_matrix[2][1]   -0.00639922 
_atom_sites.fract_transf_matrix[2][2]   -0.00049093 
_atom_sites.fract_transf_matrix[2][3]   -0.00896435 
_atom_sites.fract_transf_matrix[3][1]   -0.00732555 
_atom_sites.fract_transf_matrix[3][2]   0.02216821 
_atom_sites.fract_transf_matrix[3][3]   0.00401531 
_atom_sites.fract_transf_vector[1]      0.257060 
_atom_sites.fract_transf_vector[2]      0.501788 
_atom_sites.fract_transf_vector[3]      0.346316 
# 
_atom_sites_footnote.id     1 
_atom_sites_footnote.text   'RESIDUES PRO A 167 AND PRO B 167 ARE CIS PROLINES.' 
# 
_atom_type.symbol   C 
# 
loop_
_atom_site.group_PDB 
_atom_site.id 
_atom_site.type_symbol 
_atom_site.label_atom_id 
_atom_site.label_alt_id 
_atom_site.label_comp_id 
_atom_site.label_asym_id 
_atom_site.label_entity_id 
_atom_site.label_seq_id 
_atom_site.pdbx_PDB_ins_code 
_atom_site.Cartn_x 
_atom_site.Cartn_y 
_atom_site.Cartn_z 
_atom_site.occupancy 
_atom_site.B_iso_or_equiv 
_atom_site.pdbx_formal_charge 
_atom_site.auth_seq_id 
_atom_site.auth_comp_id 
_atom_site.auth_asym_id 
_atom_site.auth_atom_id 
_atom_site.pdbx_PDB_model_num 
ATOM 1   C CA . ASP A 1 6   ? -32.589 15.341  8.121   1.00 0.00 ? 31  ASP A CA 1 
ATOM 2   C CA . ASP A 1 7   ? -34.336 11.859  8.129   1.00 0.00 ? 32  ASP A CA 1 
ATOM 3   C CA . PHE A 1 8   ? -36.090 10.318  5.035   1.00 0.00 ? 33  PHE A CA 1 
ATOM 4   C CA . ALA A 1 9   ? -39.614 11.361  5.828   1.00 0.00 ? 34  ALA A CA 1 
ATOM 5   C CA . LYS A 1 10  ? -38.577 14.944  5.962   1.00 0.00 ? 35  LYS A CA 1 
ATOM 6   C CA . LEU A 1 11  ? -37.025 14.607  2.474   1.00 0.00 ? 36  LEU A CA 1 
ATOM 7   C CA . GLU A 1 12  ? -40.219 13.016  1.250   1.00 0.00 ? 37  GLU A CA 1 
ATOM 8   C CA . GLU A 1 13  ? -42.136 15.972  2.719   1.00 0.00 ? 38  GLU A CA 1 
ATOM 9   C CA . GLN A 1 14  ? -39.814 18.579  1.151   1.00 0.00 ? 39  GLN A CA 1 
ATOM 10  C CA . PHE A 1 15  ? -39.749 17.084  -2.327  1.00 0.00 ? 40  PHE A CA 1 
ATOM 11  C CA . ASP A 1 16  ? -43.328 15.764  -2.416  1.00 0.00 ? 41  ASP A CA 1 
ATOM 12  C CA . ALA A 1 17  ? -42.186 12.262  -3.359  1.00 0.00 ? 42  ALA A CA 1 
ATOM 13  C CA . LYS A 1 18  ? -41.853 8.656   -2.238  1.00 0.00 ? 43  LYS A CA 1 
ATOM 14  C CA . LEU A 1 19  ? -38.258 7.442   -1.456  1.00 0.00 ? 44  LEU A CA 1 
ATOM 15  C CA . GLY A 1 20  ? -37.042 3.856   -1.575  1.00 0.00 ? 45  GLY A CA 1 
ATOM 16  C CA . ILE A 1 21  ? -33.552 3.359   -0.150  1.00 0.00 ? 46  ILE A CA 1 
ATOM 17  C CA . PHE A 1 22  ? -31.392 0.337   0.744   1.00 0.00 ? 47  PHE A CA 1 
ATOM 18  C CA . ALA A 1 23  ? -27.633 0.710   1.530   1.00 0.00 ? 48  ALA A CA 1 
ATOM 19  C CA . LEU A 1 24  ? -25.284 -1.927  2.861   1.00 0.00 ? 49  LEU A CA 1 
ATOM 20  C CA . ASP A 1 25  ? -21.788 -1.270  4.157   1.00 0.00 ? 50  ASP A CA 1 
ATOM 21  C CA . THR A 1 26  ? -19.943 -4.288  2.729   1.00 0.00 ? 51  THR A CA 1 
ATOM 22  C CA . GLY A 1 27  ? -17.379 -5.224  5.374   1.00 0.00 ? 52  GLY A CA 1 
ATOM 23  C CA . THR A 1 28  ? -19.443 -4.160  8.439   1.00 0.00 ? 53  THR A CA 1 
ATOM 24  C CA . ASN A 1 29  ? -22.759 -5.386  6.958   1.00 0.00 ? 54  ASN A CA 1 
ATOM 25  C CA . ARG A 1 30  ? -24.569 -2.473  8.665   1.00 0.00 ? 55  ARG A CA 1 
ATOM 26  C CA . THR A 1 31  ? -27.585 -1.454  6.604   1.00 0.00 ? 56  THR A CA 1 
ATOM 27  C CA . VAL A 1 32  ? -29.827 1.629   6.050   1.00 0.00 ? 57  VAL A CA 1 
ATOM 28  C CA . ALA A 1 33  ? -33.359 1.102   4.711   1.00 0.00 ? 59  ALA A CA 1 
ATOM 29  C CA . TYR A 1 34  ? -36.306 3.296   4.158   1.00 0.00 ? 60  TYR A CA 1 
ATOM 30  C CA . ARG A 1 35  ? -38.941 1.806   1.728   1.00 0.00 ? 61  ARG A CA 1 
ATOM 31  C CA . PRO A 1 36  ? -36.553 -1.043  0.797   1.00 0.00 ? 62  PRO A CA 1 
ATOM 32  C CA . ASP A 1 37  ? -39.103 -3.639  -0.333  1.00 0.00 ? 63  ASP A CA 1 
ATOM 33  C CA . GLU A 1 38  ? -41.363 -1.123  -2.051  1.00 0.00 ? 64  GLU A CA 1 
ATOM 34  C CA . ARG A 1 39  ? -41.481 -1.603  -5.868  1.00 0.00 ? 65  ARG A CA 1 
ATOM 35  C CA . PHE A 1 40  ? -40.541 1.220   -8.300  1.00 0.00 ? 66  PHE A CA 1 
ATOM 36  C CA . ALA A 1 41  ? -40.054 1.265   -12.130 1.00 0.00 ? 67  ALA A CA 1 
ATOM 37  C CA . PHE A 1 42  ? -36.370 0.379   -12.381 1.00 0.00 ? 68  PHE A CA 1 
ATOM 38  C CA . ALA A 1 43  ? -35.951 2.551   -15.551 1.00 0.00 ? 69  ALA A CA 1 
ATOM 39  C CA . SER A 1 44  ? -32.326 2.585   -17.005 1.00 0.00 ? 70  SER A CA 1 
ATOM 40  C CA . THR A 1 45  ? -30.756 1.174   -13.776 1.00 0.00 ? 71  THR A CA 1 
ATOM 41  C CA . ILE A 1 46  ? -31.576 -2.136  -15.484 1.00 0.00 ? 72  ILE A CA 1 
ATOM 42  C CA . LYS A 1 47  ? -28.777 -1.429  -18.052 1.00 0.00 ? 73  LYS A CA 1 
ATOM 43  C CA . ALA A 1 48  ? -26.285 -2.203  -15.260 1.00 0.00 ? 74  ALA A CA 1 
ATOM 44  C CA . LEU A 1 49  ? -27.841 -5.599  -14.657 1.00 0.00 ? 75  LEU A CA 1 
ATOM 45  C CA . THR A 1 50  ? -28.222 -6.301  -18.469 1.00 0.00 ? 76  THR A CA 1 
ATOM 46  C CA . VAL A 1 51  ? -24.438 -5.751  -18.968 1.00 0.00 ? 77  VAL A CA 1 
ATOM 47  C CA . GLY A 1 52  ? -23.631 -8.002  -15.866 1.00 0.00 ? 78  GLY A CA 1 
ATOM 48  C CA . VAL A 1 53  ? -25.603 -10.695 -17.772 1.00 0.00 ? 79  VAL A CA 1 
ATOM 49  C CA . LEU A 1 54  ? -23.803 -9.956  -21.126 1.00 0.00 ? 80  LEU A CA 1 
ATOM 50  C CA . LEU A 1 55  ? -20.422 -10.354 -19.399 1.00 0.00 ? 81  LEU A CA 1 
ATOM 51  C CA . GLN A 1 56  ? -21.388 -13.680 -17.821 1.00 0.00 ? 82  GLN A CA 1 
ATOM 52  C CA . GLN A 1 57  ? -22.447 -14.974 -21.237 1.00 0.00 ? 83  GLN A CA 1 
ATOM 53  C CA . LYS A 1 58  ? -19.447 -13.739 -23.306 1.00 0.00 ? 86  LYS A CA 1 
ATOM 54  C CA . SER A 1 59  ? -15.740 -13.781 -22.949 1.00 0.00 ? 87  SER A CA 1 
ATOM 55  C CA . ILE A 1 60  ? -13.973 -10.380 -23.053 1.00 0.00 ? 88  ILE A CA 1 
ATOM 56  C CA . GLU A 1 61  ? -12.722 -11.610 -26.459 1.00 0.00 ? 89  GLU A CA 1 
ATOM 57  C CA . ASP A 1 62  ? -16.277 -12.101 -27.787 1.00 0.00 ? 90  ASP A CA 1 
ATOM 58  C CA . LEU A 1 63  ? -17.157 -8.502  -26.925 1.00 0.00 ? 91  LEU A CA 1 
ATOM 59  C CA . ASN A 1 64  ? -15.314 -7.349  -30.034 1.00 0.00 ? 92  ASN A CA 1 
ATOM 60  C CA . GLN A 1 65  ? -18.045 -8.867  -32.288 1.00 0.00 ? 93  GLN A CA 1 
ATOM 61  C CA . ARG A 1 66  ? -19.575 -6.065  -34.216 1.00 0.00 ? 94  ARG A CA 1 
ATOM 62  C CA . ILE A 1 67  ? -23.334 -5.562  -34.338 1.00 0.00 ? 95  ILE A CA 1 
ATOM 63  C CA . THR A 1 68  ? -24.760 -3.805  -37.425 1.00 0.00 ? 96  THR A CA 1 
ATOM 64  C CA . TYR A 1 69  ? -28.177 -2.019  -37.167 1.00 0.00 ? 97  TYR A CA 1 
ATOM 65  C CA . THR A 1 70  ? -30.439 0.539   -38.965 1.00 0.00 ? 98  THR A CA 1 
ATOM 66  C CA . ARG A 1 71  ? -32.296 3.657   -38.117 1.00 0.00 ? 99  ARG A CA 1 
ATOM 67  C CA . ASP A 1 72  ? -35.271 1.491   -37.278 1.00 0.00 ? 100 ASP A CA 1 
ATOM 68  C CA . ASP A 1 73  ? -33.306 0.172   -34.316 1.00 0.00 ? 101 ASP A CA 1 
ATOM 69  C CA . LEU A 1 74  ? -32.849 3.743   -33.051 1.00 0.00 ? 102 LEU A CA 1 
ATOM 70  C CA . VAL A 1 75  ? -35.427 4.884   -30.381 1.00 0.00 ? 103 VAL A CA 1 
ATOM 71  C CA . ASN A 1 76  ? -35.853 8.189   -28.413 1.00 0.00 ? 104 ASN A CA 1 
ATOM 72  C CA . TYR A 1 77  ? -32.310 8.640   -26.966 1.00 0.00 ? 105 TYR A CA 1 
ATOM 73  C CA . ASN A 1 78  ? -29.519 7.149   -28.986 1.00 0.00 ? 106 ASN A CA 1 
ATOM 74  C CA . PRO A 1 79  ? -26.607 9.623   -28.286 1.00 0.00 ? 107 PRO A CA 1 
ATOM 75  C CA . ILE A 1 80  ? -23.776 7.290   -29.331 1.00 0.00 ? 108 ILE A CA 1 
ATOM 76  C CA . THR A 1 81  ? -25.523 4.676   -31.396 1.00 0.00 ? 109 THR A CA 1 
ATOM 77  C CA . GLU A 1 82  ? -26.950 7.375   -33.674 1.00 0.00 ? 110 GLU A CA 1 
ATOM 78  C CA . LYS A 1 83  ? -23.353 8.210   -34.836 1.00 0.00 ? 111 LYS A CA 1 
ATOM 79  C CA . HIS A 1 84  ? -22.435 4.587   -35.885 1.00 0.00 ? 112 HIS A CA 1 
ATOM 80  C CA . VAL A 1 85  ? -25.261 3.196   -38.048 1.00 0.00 ? 113 VAL A CA 1 
ATOM 81  C CA . ASP A 1 86  ? -22.924 2.901   -41.108 1.00 0.00 ? 114 ASP A CA 1 
ATOM 82  C CA . THR A 1 87  ? -20.238 0.879   -39.357 1.00 0.00 ? 115 THR A CA 1 
ATOM 83  C CA . GLY A 1 88  ? -22.225 -0.979  -36.588 1.00 0.00 ? 116 GLY A CA 1 
ATOM 84  C CA . MET A 1 89  ? -20.647 -1.087  -33.091 1.00 0.00 ? 117 MET A CA 1 
ATOM 85  C CA . THR A 1 90  ? -18.935 -3.798  -31.139 1.00 0.00 ? 118 THR A CA 1 
ATOM 86  C CA . LEU A 1 91  ? -20.661 -5.355  -28.071 1.00 0.00 ? 119 LEU A CA 1 
ATOM 87  C CA . LYS A 1 92  ? -17.983 -3.659  -25.900 1.00 0.00 ? 120 LYS A CA 1 
ATOM 88  C CA . GLU A 1 93  ? -18.782 -0.134  -27.384 1.00 0.00 ? 121 GLU A CA 1 
ATOM 89  C CA . LEU A 1 94  ? -22.495 -0.862  -27.022 1.00 0.00 ? 122 LEU A CA 1 
ATOM 90  C CA . ALA A 1 95  ? -21.989 -1.803  -23.260 1.00 0.00 ? 123 ALA A CA 1 
ATOM 91  C CA . ASP A 1 96  ? -19.930 1.407   -22.771 1.00 0.00 ? 124 ASP A CA 1 
ATOM 92  C CA . ALA A 1 97  ? -22.703 3.487   -24.473 1.00 0.00 ? 125 ALA A CA 1 
ATOM 93  C CA . SER A 1 98  ? -25.544 1.780   -22.453 1.00 0.00 ? 126 SER A CA 1 
ATOM 94  C CA . LEU A 1 99  ? -23.723 2.294   -19.203 1.00 0.00 ? 127 LEU A CA 1 
ATOM 95  C CA . ARG A 1 100 ? -22.066 5.629   -19.517 1.00 0.00 ? 128 ARG A CA 1 
ATOM 96  C CA . TYR A 1 101 ? -24.311 7.349   -21.942 1.00 0.00 ? 129 TYR A CA 1 
ATOM 97  C CA . SER A 1 102 ? -27.614 5.563   -20.992 1.00 0.00 ? 130 SER A CA 1 
ATOM 98  C CA . ASP A 1 103 ? -28.137 5.039   -24.728 1.00 0.00 ? 131 ASP A CA 1 
ATOM 99  C CA . ASN A 1 104 ? -31.506 3.295   -25.157 1.00 0.00 ? 132 ASN A CA 1 
ATOM 100 C CA . ALA A 1 105 ? -30.845 1.645   -28.558 1.00 0.00 ? 133 ALA A CA 1 
ATOM 101 C CA . ALA A 1 106 ? -27.610 0.276   -27.107 1.00 0.00 ? 134 ALA A CA 1 
ATOM 102 C CA . GLN A 1 107 ? -29.666 -1.358  -24.367 1.00 0.00 ? 135 GLN A CA 1 
ATOM 103 C CA . ASN A 1 108 ? -32.101 -2.777  -26.945 1.00 0.00 ? 136 ASN A CA 1 
ATOM 104 C CA . LEU A 1 109 ? -29.314 -4.258  -29.140 1.00 0.00 ? 137 LEU A CA 1 
ATOM 105 C CA . ILE A 1 110 ? -27.594 -5.835  -26.082 1.00 0.00 ? 138 ILE A CA 1 
ATOM 106 C CA . LEU A 1 111 ? -31.036 -7.192  -24.865 1.00 0.00 ? 139 LEU A CA 1 
ATOM 107 C CA . LYS A 1 112 ? -31.694 -8.832  -28.224 1.00 0.00 ? 140 LYS A CA 1 
ATOM 108 C CA . GLN A 1 113 ? -28.145 -10.427 -28.113 1.00 0.00 ? 141 GLN A CA 1 
ATOM 109 C CA . ILE A 1 114 ? -28.902 -12.072 -24.734 1.00 0.00 ? 142 ILE A CA 1 
ATOM 110 C CA . GLY A 1 115 ? -32.386 -13.325 -25.771 1.00 0.00 ? 143 GLY A CA 1 
ATOM 111 C CA . GLY A 1 116 ? -34.560 -10.324 -24.702 1.00 0.00 ? 144 GLY A CA 1 
ATOM 112 C CA . PRO A 1 117 ? -36.441 -9.377  -21.479 1.00 0.00 ? 145 PRO A CA 1 
ATOM 113 C CA . GLU A 1 118 ? -37.622 -12.972 -20.650 1.00 0.00 ? 146 GLU A CA 1 
ATOM 114 C CA . SER A 1 119 ? -34.071 -14.388 -20.941 1.00 0.00 ? 147 SER A CA 1 
ATOM 115 C CA . LEU A 1 120 ? -32.718 -11.512 -18.767 1.00 0.00 ? 148 LEU A CA 1 
ATOM 116 C CA . LYS A 1 121 ? -35.464 -12.418 -16.174 1.00 0.00 ? 149 LYS A CA 1 
ATOM 117 C CA . LYS A 1 122 ? -34.231 -16.011 -16.191 1.00 0.00 ? 150 LYS A CA 1 
ATOM 118 C CA . GLU A 1 123 ? -30.617 -14.958 -15.710 1.00 0.00 ? 151 GLU A CA 1 
ATOM 119 C CA . LEU A 1 124 ? -31.600 -12.769 -12.777 1.00 0.00 ? 152 LEU A CA 1 
ATOM 120 C CA . ARG A 1 125 ? -33.607 -15.683 -11.250 1.00 0.00 ? 153 ARG A CA 1 
ATOM 121 C CA . LYS A 1 126 ? -30.486 -17.893 -11.715 1.00 0.00 ? 154 LYS A CA 1 
ATOM 122 C CA . ILE A 1 127 ? -28.599 -15.202 -9.598  1.00 0.00 ? 155 ILE A CA 1 
ATOM 123 C CA . GLY A 1 128 ? -31.015 -15.307 -6.664  1.00 0.00 ? 156 GLY A CA 1 
ATOM 124 C CA . ASP A 1 129 ? -33.130 -12.359 -7.657  1.00 0.00 ? 157 ASP A CA 1 
ATOM 125 C CA . GLU A 1 130 ? -36.776 -13.258 -7.399  1.00 0.00 ? 158 GLU A CA 1 
ATOM 126 C CA . VAL A 1 131 ? -38.112 -9.744  -7.628  1.00 0.00 ? 159 VAL A CA 1 
ATOM 127 C CA . THR A 1 132 ? -36.664 -7.573  -10.485 1.00 0.00 ? 160 THR A CA 1 
ATOM 128 C CA . ASN A 1 133 ? -39.167 -7.869  -13.273 1.00 0.00 ? 161 ASN A CA 1 
ATOM 129 C CA . PRO A 1 134 ? -37.854 -7.278  -16.838 1.00 0.00 ? 162 PRO A CA 1 
ATOM 130 C CA . GLU A 1 135 ? -40.606 -7.206  -19.403 1.00 0.00 ? 163 GLU A CA 1 
ATOM 131 C CA . ARG A 1 136 ? -40.217 -4.750  -22.211 1.00 0.00 ? 164 ARG A CA 1 
ATOM 132 C CA . PHE A 1 137 ? -37.641 -3.000  -24.345 1.00 0.00 ? 165 PHE A CA 1 
ATOM 133 C CA . GLU A 1 138 ? -36.667 0.659   -24.262 1.00 0.00 ? 166 GLU A CA 1 
ATOM 134 C CA . PRO A 1 139 ? -38.480 3.120   -24.105 1.00 0.00 ? 167 PRO A CA 1 
ATOM 135 C CA . GLU A 1 140 ? -41.808 1.389   -23.137 1.00 0.00 ? 168 GLU A CA 1 
ATOM 136 C CA . LEU A 1 141 ? -40.235 -0.234  -20.003 1.00 0.00 ? 169 LEU A CA 1 
ATOM 137 C CA . ASN A 1 142 ? -40.312 3.317   -18.412 1.00 0.00 ? 170 ASN A CA 1 
ATOM 138 C CA . GLU A 1 143 ? -44.129 3.489   -18.493 1.00 0.00 ? 171 GLU A CA 1 
ATOM 139 C CA . VAL A 1 144 ? -45.151 1.742   -15.322 1.00 0.00 ? 172 VAL A CA 1 
ATOM 140 C CA . ASN A 1 145 ? -48.356 2.657   -13.639 1.00 0.00 ? 173 ASN A CA 1 
ATOM 141 C CA . PRO A 1 146 ? -48.706 2.621   -9.767  1.00 0.00 ? 174 PRO A CA 1 
ATOM 142 C CA . GLY A 1 147 ? -49.719 -0.906  -8.825  1.00 0.00 ? 175 GLY A CA 1 
ATOM 143 C CA . GLU A 1 148 ? -48.147 -2.632  -11.837 1.00 0.00 ? 176 GLU A CA 1 
ATOM 144 C CA . THR A 1 149 ? -45.154 -4.836  -11.376 1.00 0.00 ? 177 THR A CA 1 
ATOM 145 C CA . GLN A 1 150 ? -43.743 -5.123  -14.859 1.00 0.00 ? 178 GLN A CA 1 
ATOM 146 C CA . ASP A 1 151 ? -40.381 -3.552  -15.219 1.00 0.00 ? 179 ASP A CA 1 
ATOM 147 C CA . THR A 1 152 ? -40.161 -2.946  -11.475 1.00 0.00 ? 180 THR A CA 1 
ATOM 148 C CA . SER A 1 153 ? -37.886 -3.983  -8.760  1.00 0.00 ? 181 SER A CA 1 
ATOM 149 C CA . THR A 1 154 ? -37.171 -2.857  -5.113  1.00 0.00 ? 182 THR A CA 1 
ATOM 150 C CA . ALA A 1 155 ? -34.130 -0.976  -3.578  1.00 0.00 ? 183 ALA A CA 1 
ATOM 151 C CA . ARG A 1 156 ? -33.085 -4.147  -1.692  1.00 0.00 ? 184 ARG A CA 1 
ATOM 152 C CA . ALA A 1 157 ? -33.198 -6.373  -4.797  1.00 0.00 ? 185 ALA A CA 1 
ATOM 153 C CA . LEU A 1 158 ? -31.268 -3.820  -6.871  1.00 0.00 ? 186 LEU A CA 1 
ATOM 154 C CA . VAL A 1 159 ? -28.336 -3.353  -4.314  1.00 0.00 ? 187 VAL A CA 1 
ATOM 155 C CA . THR A 1 160 ? -28.279 -7.160  -3.844  1.00 0.00 ? 188 THR A CA 1 
ATOM 156 C CA . SER A 1 161 ? -28.140 -7.995  -7.571  1.00 0.00 ? 189 SER A CA 1 
ATOM 157 C CA . LEU A 1 162 ? -25.538 -5.270  -8.348  1.00 0.00 ? 190 LEU A CA 1 
ATOM 158 C CA . ARG A 1 163 ? -23.323 -6.479  -5.472  1.00 0.00 ? 191 ARG A CA 1 
ATOM 159 C CA . ALA A 1 164 ? -23.564 -10.054 -6.867  1.00 0.00 ? 192 ALA A CA 1 
ATOM 160 C CA . PHE A 1 165 ? -22.350 -9.045  -10.346 1.00 0.00 ? 193 PHE A CA 1 
ATOM 161 C CA . ALA A 1 166 ? -19.787 -6.398  -9.500  1.00 0.00 ? 194 ALA A CA 1 
ATOM 162 C CA . LEU A 1 167 ? -18.442 -7.497  -6.114  1.00 0.00 ? 195 LEU A CA 1 
ATOM 163 C CA . GLU A 1 168 ? -19.051 -11.204 -5.617  1.00 0.00 ? 196 GLU A CA 1 
ATOM 164 C CA . ASP A 1 169 ? -18.830 -14.369 -7.612  1.00 0.00 ? 197 ASP A CA 1 
ATOM 165 C CA . LYS A 1 170 ? -21.391 -13.923 -10.280 1.00 0.00 ? 198 LYS A CA 1 
ATOM 166 C CA . LEU A 1 171 ? -18.553 -12.628 -12.569 1.00 0.00 ? 199 LEU A CA 1 
ATOM 167 C CA . PRO A 1 172 ? -14.776 -13.393 -12.689 1.00 0.00 ? 200 PRO A CA 1 
ATOM 168 C CA . SER A 1 173 ? -12.479 -10.504 -11.576 1.00 0.00 ? 201 SER A CA 1 
ATOM 169 C CA . GLU A 1 174 ? -11.547 -9.007  -14.996 1.00 0.00 ? 202 GLU A CA 1 
ATOM 170 C CA . LYS A 1 175 ? -15.207 -8.917  -16.024 1.00 0.00 ? 203 LYS A CA 1 
ATOM 171 C CA . ARG A 1 176 ? -16.094 -7.339  -12.689 1.00 0.00 ? 204 ARG A CA 1 
ATOM 172 C CA . GLU A 1 177 ? -13.258 -4.862  -13.513 1.00 0.00 ? 205 GLU A CA 1 
ATOM 173 C CA . LEU A 1 178 ? -14.882 -3.864  -16.842 1.00 0.00 ? 206 LEU A CA 1 
ATOM 174 C CA . LEU A 1 179 ? -18.305 -3.297  -15.283 1.00 0.00 ? 207 LEU A CA 1 
ATOM 175 C CA . ILE A 1 180 ? -16.849 -1.190  -12.469 1.00 0.00 ? 208 ILE A CA 1 
ATOM 176 C CA . ASP A 1 181 ? -14.767 0.984   -14.765 1.00 0.00 ? 209 ASP A CA 1 
ATOM 177 C CA . TRP A 1 182 ? -17.658 1.733   -17.157 1.00 0.00 ? 210 TRP A CA 1 
ATOM 178 C CA . MET A 1 183 ? -19.843 2.606   -14.187 1.00 0.00 ? 211 MET A CA 1 
ATOM 179 C CA . LYS A 1 184 ? -17.100 4.651   -12.572 1.00 0.00 ? 212 LYS A CA 1 
ATOM 180 C CA . ARG A 1 185 ? -16.853 6.758   -15.733 1.00 0.00 ? 213 ARG A CA 1 
ATOM 181 C CA . ASN A 1 186 ? -20.563 7.215   -16.146 1.00 0.00 ? 214 ASN A CA 1 
ATOM 182 C CA . THR A 1 187 ? -21.439 10.720  -17.489 1.00 0.00 ? 215 THR A CA 1 
ATOM 183 C CA . THR A 1 188 ? -25.110 10.965  -16.232 1.00 0.00 ? 216 THR A CA 1 
ATOM 184 C CA . GLY A 1 189 ? -24.842 10.827  -12.421 1.00 0.00 ? 217 GLY A CA 1 
ATOM 185 C CA . ASP A 1 190 ? -23.043 13.977  -11.406 1.00 0.00 ? 218 ASP A CA 1 
ATOM 186 C CA . ALA A 1 191 ? -26.067 15.544  -9.611  1.00 0.00 ? 219 ALA A CA 1 
ATOM 187 C CA . LEU A 1 192 ? -27.355 12.434  -7.847  1.00 0.00 ? 220 LEU A CA 1 
ATOM 188 C CA . ILE A 1 193 ? -25.341 10.051  -5.543  1.00 0.00 ? 221 ILE A CA 1 
ATOM 189 C CA . ARG A 1 194 ? -22.026 11.524  -6.709  1.00 0.00 ? 222 ARG A CA 1 
ATOM 190 C CA . ALA A 1 195 ? -23.193 14.815  -5.325  1.00 0.00 ? 223 ALA A CA 1 
ATOM 191 C CA . GLY A 1 196 ? -23.891 13.367  -1.814  1.00 0.00 ? 224 GLY A CA 1 
ATOM 192 C CA . VAL A 1 197 ? -20.523 11.598  -1.349  1.00 0.00 ? 225 VAL A CA 1 
ATOM 193 C CA . PRO A 1 198 ? -17.260 13.426  -0.235  1.00 0.00 ? 226 PRO A CA 1 
ATOM 194 C CA . ASP A 1 199 ? -14.300 14.239  -2.631  1.00 0.00 ? 227 ASP A CA 1 
ATOM 195 C CA . GLY A 1 200 ? -11.800 11.501  -2.793  1.00 0.00 ? 228 GLY A CA 1 
ATOM 196 C CA . TRP A 1 201 ? -14.607 8.960   -2.493  1.00 0.00 ? 229 TRP A CA 1 
ATOM 197 C CA . GLU A 1 202 ? -15.035 6.980   -5.719  1.00 0.00 ? 230 GLU A CA 1 
ATOM 198 C CA . VAL A 1 203 ? -18.494 6.197   -7.151  1.00 0.00 ? 231 VAL A CA 1 
ATOM 199 C CA . ALA A 1 204 ? -19.619 3.740   -9.741  1.00 0.00 ? 232 ALA A CA 1 
ATOM 200 C CA . ASP A 1 205 ? -23.298 4.451   -10.691 1.00 0.00 ? 233 ASP A CA 1 
ATOM 201 C CA . LYS A 1 206 ? -26.171 4.083   -13.164 1.00 0.00 ? 234 LYS A CA 1 
ATOM 202 C CA . THR A 1 207 ? -29.096 6.440   -13.228 1.00 0.00 ? 235 THR A CA 1 
ATOM 203 C CA . GLY A 1 208 ? -32.769 6.140   -14.344 1.00 0.00 ? 236 GLY A CA 1 
ATOM 204 C CA . ALA A 1 209 ? -35.772 8.345   -14.838 1.00 0.00 ? 237 ALA A CA 1 
ATOM 205 C CA . ALA A 1 210 ? -39.273 7.140   -15.758 1.00 0.00 ? 238 ALA A CA 1 
ATOM 206 C CA . SER A 1 211 ? -42.983 8.209   -15.532 1.00 0.00 ? 240 SER A CA 1 
ATOM 207 C CA . TYR A 1 212 ? -44.692 9.453   -12.341 1.00 0.00 ? 241 TYR A CA 1 
ATOM 208 C CA . GLY A 1 213 ? -41.524 11.468  -11.825 1.00 0.00 ? 242 GLY A CA 1 
ATOM 209 C CA . THR A 1 214 ? -39.454 8.353   -11.163 1.00 0.00 ? 243 THR A CA 1 
ATOM 210 C CA . ARG A 1 215 ? -35.812 9.225   -10.575 1.00 0.00 ? 244 ARG A CA 1 
ATOM 211 C CA . ASN A 1 216 ? -33.264 6.549   -9.576  1.00 0.00 ? 245 ASN A CA 1 
ATOM 212 C CA . ASP A 1 217 ? -29.632 6.023   -8.950  1.00 0.00 ? 246 ASP A CA 1 
ATOM 213 C CA . ILE A 1 218 ? -27.825 2.779   -7.966  1.00 0.00 ? 247 ILE A CA 1 
ATOM 214 C CA . ALA A 1 219 ? -24.199 2.837   -6.934  1.00 0.00 ? 248 ALA A CA 1 
ATOM 215 C CA . ILE A 1 220 ? -21.347 1.222   -5.254  1.00 0.00 ? 249 ILE A CA 1 
ATOM 216 C CA . ILE A 1 221 ? -19.214 3.728   -3.268  1.00 0.00 ? 250 ILE A CA 1 
ATOM 217 C CA . TRP A 1 222 ? -15.517 3.356   -2.338  1.00 0.00 ? 251 TRP A CA 1 
ATOM 218 C CA . PRO A 1 223 ? -14.328 4.985   0.865   1.00 0.00 ? 252 PRO A CA 1 
ATOM 219 C CA . PRO A 1 224 ? -10.579 6.042   0.755   1.00 0.00 ? 254 PRO A CA 1 
ATOM 220 C CA . LYS A 1 225 ? -10.252 3.295   3.290   1.00 0.00 ? 255 LYS A CA 1 
ATOM 221 C CA . GLY A 1 226 ? -11.619 -0.207  3.057   1.00 0.00 ? 256 GLY A CA 1 
ATOM 222 C CA . ASP A 1 227 ? -14.792 -1.754  1.944   1.00 0.00 ? 257 ASP A CA 1 
ATOM 223 C CA . PRO A 1 228 ? -17.419 -0.495  -0.486  1.00 0.00 ? 258 PRO A CA 1 
ATOM 224 C CA . VAL A 1 229 ? -20.954 0.571   0.221   1.00 0.00 ? 259 VAL A CA 1 
ATOM 225 C CA . VAL A 1 230 ? -23.572 -0.425  -2.317  1.00 0.00 ? 260 VAL A CA 1 
ATOM 226 C CA . LEU A 1 231 ? -26.591 1.808   -2.325  1.00 0.00 ? 261 LEU A CA 1 
ATOM 227 C CA . ALA A 1 232 ? -29.871 2.084   -4.262  1.00 0.00 ? 262 ALA A CA 1 
ATOM 228 C CA . VAL A 1 233 ? -31.753 5.347   -3.959  1.00 0.00 ? 263 VAL A CA 1 
ATOM 229 C CA . LEU A 1 234 ? -35.162 5.191   -5.808  1.00 0.00 ? 264 LEU A CA 1 
ATOM 230 C CA . SER A 1 235 ? -38.085 7.660   -5.914  1.00 0.00 ? 265 SER A CA 1 
ATOM 231 C CA . SER A 1 236 ? -41.488 8.481   -7.516  1.00 0.00 ? 266 SER A CA 1 
ATOM 232 C CA . ARG A 1 237 ? -44.347 11.004  -7.325  1.00 0.00 ? 267 ARG A CA 1 
ATOM 233 C CA . ASP A 1 238 ? -48.059 10.230  -8.009  1.00 0.00 ? 268 ASP A CA 1 
ATOM 234 C CA . LYS A 1 239 ? -48.754 12.289  -10.924 1.00 0.00 ? 269 LYS A CA 1 
ATOM 235 C CA . LYS A 1 240 ? -47.942 10.547  -14.116 1.00 0.00 ? 270 LYS A CA 1 
ATOM 236 C CA . ASP A 1 241 ? -46.005 13.438  -15.634 1.00 0.00 ? 271 ASP A CA 1 
ATOM 237 C CA . ALA A 1 242 ? -44.561 14.803  -12.459 1.00 0.00 ? 272 ALA A CA 1 
ATOM 238 C CA . LYS A 1 243 ? -41.108 16.396  -12.797 1.00 0.00 ? 273 LYS A CA 1 
ATOM 239 C CA . TYR A 1 244 ? -38.319 15.119  -10.625 1.00 0.00 ? 274 TYR A CA 1 
ATOM 240 C CA . ASP A 1 245 ? -35.634 16.995  -8.720  1.00 0.00 ? 275 ASP A CA 1 
ATOM 241 C CA . ASP A 1 246 ? -32.086 15.497  -8.557  1.00 0.00 ? 276 ASP A CA 1 
ATOM 242 C CA . LYS A 1 247 ? -31.325 17.204  -5.282  1.00 0.00 ? 277 LYS A CA 1 
ATOM 243 C CA . LEU A 1 248 ? -33.614 14.653  -3.567  1.00 0.00 ? 278 LEU A CA 1 
ATOM 244 C CA . ILE A 1 249 ? -31.100 11.870  -4.432  1.00 0.00 ? 279 ILE A CA 1 
ATOM 245 C CA . ALA A 1 250 ? -28.068 13.925  -3.484  1.00 0.00 ? 280 ALA A CA 1 
ATOM 246 C CA . GLU A 1 251 ? -29.699 14.735  -0.099  1.00 0.00 ? 281 GLU A CA 1 
ATOM 247 C CA . ALA A 1 252 ? -30.950 11.098  0.567   1.00 0.00 ? 282 ALA A CA 1 
ATOM 248 C CA . THR A 1 253 ? -27.361 10.107  -0.085  1.00 0.00 ? 283 THR A CA 1 
ATOM 249 C CA . LYS A 1 254 ? -25.980 12.556  2.580   1.00 0.00 ? 284 LYS A CA 1 
ATOM 250 C CA . VAL A 1 255 ? -28.433 10.965  5.118   1.00 0.00 ? 285 VAL A CA 1 
ATOM 251 C CA . VAL A 1 256 ? -27.240 7.394   4.239   1.00 0.00 ? 286 VAL A CA 1 
ATOM 252 C CA . MET A 1 257 ? -23.594 8.298   4.683   1.00 0.00 ? 287 MET A CA 1 
ATOM 253 C CA . LYS A 1 258 ? -24.303 9.895   8.059   1.00 0.00 ? 288 LYS A CA 1 
ATOM 254 C CA . ALA A 1 259 ? -26.435 6.915   9.309   1.00 0.00 ? 289 ALA A CA 1 
ATOM 255 C CA . LEU A 1 260 ? -23.566 4.545   8.232   1.00 0.00 ? 290 LEU A CA 1 
ATOM 256 C CA . ASN A 1 261 ? -20.430 6.772   8.684   1.00 0.00 ? 291 ASN A CA 1 
ATOM 257 C CA . MET A 1 262 ? -19.840 6.367   12.208  1.00 0.00 ? 292 MET A CA 1 
ATOM 258 C CA . ASN A 1 263 ? -19.213 2.508   11.949  1.00 0.00 ? 293 ASN A CA 1 
ATOM 259 C CA . GLY A 1 264 ? -16.225 2.933   9.687   1.00 0.00 ? 294 GLY A CA 1 
ATOM 260 C CA . LYS A 1 265 ? -15.171 6.463   10.494  1.00 0.00 ? 295 LYS A CA 1 
ATOM 261 C CA . ASP B 1 6   ? 27.906  -19.907 -3.594  1.00 0.00 ? 31  ASP B CA 1 
ATOM 262 C CA . ASP B 1 7   ? 24.870  -20.202 -1.184  1.00 0.00 ? 32  ASP B CA 1 
ATOM 263 C CA . PHE B 1 8   ? 25.687  -19.310 2.497   1.00 0.00 ? 33  PHE B CA 1 
ATOM 264 C CA . ALA B 1 9   ? 26.394  -22.894 3.837   1.00 0.00 ? 34  ALA B CA 1 
ATOM 265 C CA . LYS B 1 10  ? 29.064  -23.265 1.059   1.00 0.00 ? 35  LYS B CA 1 
ATOM 266 C CA . LEU B 1 11  ? 30.749  -20.149 2.257   1.00 0.00 ? 36  LEU B CA 1 
ATOM 267 C CA . GLU B 1 12  ? 30.735  -21.381 5.898   1.00 0.00 ? 37  GLU B CA 1 
ATOM 268 C CA . GLU B 1 13  ? 32.455  -24.653 4.847   1.00 0.00 ? 38  GLU B CA 1 
ATOM 269 C CA . GLN B 1 14  ? 34.913  -22.953 2.384   1.00 0.00 ? 39  GLN B CA 1 
ATOM 270 C CA . PHE B 1 15  ? 35.786  -20.389 5.080   1.00 0.00 ? 40  PHE B CA 1 
ATOM 271 C CA . ASP B 1 16  ? 35.429  -22.513 8.198   1.00 0.00 ? 41  ASP B CA 1 
ATOM 272 C CA . ALA B 1 17  ? 33.204  -19.924 9.769   1.00 0.00 ? 42  ALA B CA 1 
ATOM 273 C CA . LYS B 1 18  ? 29.676  -19.129 11.129  1.00 0.00 ? 43  LYS B CA 1 
ATOM 274 C CA . LEU B 1 19  ? 27.879  -16.544 9.123   1.00 0.00 ? 44  LEU B CA 1 
ATOM 275 C CA . GLY B 1 20  ? 25.049  -14.317 10.268  1.00 0.00 ? 45  GLY B CA 1 
ATOM 276 C CA . ILE B 1 21  ? 23.420  -12.291 7.582   1.00 0.00 ? 46  ILE B CA 1 
ATOM 277 C CA . PHE B 1 22  ? 20.404  -10.133 7.281   1.00 0.00 ? 47  PHE B CA 1 
ATOM 278 C CA . ALA B 1 23  ? 19.744  -7.832  4.373   1.00 0.00 ? 48  ALA B CA 1 
ATOM 279 C CA . LEU B 1 24  ? 16.680  -5.645  3.720   1.00 0.00 ? 49  LEU B CA 1 
ATOM 280 C CA . ASP B 1 25  ? 15.737  -4.089  0.408   1.00 0.00 ? 50  ASP B CA 1 
ATOM 281 C CA . THR B 1 26  ? 14.118  -0.881  1.362   1.00 0.00 ? 51  THR B CA 1 
ATOM 282 C CA . GLY B 1 27  ? 11.281  -0.160  -1.091  1.00 0.00 ? 52  GLY B CA 1 
ATOM 283 C CA . THR B 1 28  ? 10.660  -3.823  -2.088  1.00 0.00 ? 53  THR B CA 1 
ATOM 284 C CA . ASN B 1 29  ? 10.833  -5.079  1.536   1.00 0.00 ? 54  ASN B CA 1 
ATOM 285 C CA . ARG B 1 30  ? 12.431  -8.276  0.442   1.00 0.00 ? 55  ARG B CA 1 
ATOM 286 C CA . THR B 1 31  ? 14.825  -9.658  2.942   1.00 0.00 ? 56  THR B CA 1 
ATOM 287 C CA . VAL B 1 32  ? 17.702  -12.221 2.772   1.00 0.00 ? 57  VAL B CA 1 
ATOM 288 C CA . ALA B 1 33  ? 18.358  -13.978 6.096   1.00 0.00 ? 59  ALA B CA 1 
ATOM 289 C CA . TYR B 1 34  ? 20.789  -16.652 6.955   1.00 0.00 ? 60  TYR B CA 1 
ATOM 290 C CA . ARG B 1 35  ? 21.459  -16.725 10.686  1.00 0.00 ? 61  ARG B CA 1 
ATOM 291 C CA . PRO B 1 36  ? 19.627  -13.477 11.296  1.00 0.00 ? 62  PRO B CA 1 
ATOM 292 C CA . ASP B 1 37  ? 18.794  -13.927 14.915  1.00 0.00 ? 63  ASP B CA 1 
ATOM 293 C CA . GLU B 1 38  ? 22.015  -15.573 15.955  1.00 0.00 ? 64  GLU B CA 1 
ATOM 294 C CA . ARG B 1 39  ? 24.185  -13.552 18.367  1.00 0.00 ? 65  ARG B CA 1 
ATOM 295 C CA . PHE B 1 40  ? 27.634  -12.239 17.388  1.00 0.00 ? 66  PHE B CA 1 
ATOM 296 C CA . ALA B 1 41  ? 30.001  -9.791  19.188  1.00 0.00 ? 67  ALA B CA 1 
ATOM 297 C CA . PHE B 1 42  ? 29.167  -6.550  17.341  1.00 0.00 ? 68  PHE B CA 1 
ATOM 298 C CA . ALA B 1 43  ? 32.797  -5.244  17.752  1.00 0.00 ? 69  ALA B CA 1 
ATOM 299 C CA . SER B 1 44  ? 33.371  -1.780  16.200  1.00 0.00 ? 70  SER B CA 1 
ATOM 300 C CA . THR B 1 45  ? 30.084  -1.753  14.171  1.00 0.00 ? 71  THR B CA 1 
ATOM 301 C CA . ILE B 1 46  ? 28.690  -0.283  17.500  1.00 0.00 ? 72  ILE B CA 1 
ATOM 302 C CA . LYS B 1 47  ? 30.581  2.996   16.714  1.00 0.00 ? 73  LYS B CA 1 
ATOM 303 C CA . ALA B 1 48  ? 27.982  3.702   14.131  1.00 0.00 ? 74  ALA B CA 1 
ATOM 304 C CA . LEU B 1 49  ? 25.031  3.310   16.554  1.00 0.00 ? 75  LEU B CA 1 
ATOM 305 C CA . THR B 1 50  ? 26.904  5.276   19.268  1.00 0.00 ? 76  THR B CA 1 
ATOM 306 C CA . VAL B 1 51  ? 27.321  8.237   16.813  1.00 0.00 ? 77  VAL B CA 1 
ATOM 307 C CA . GLY B 1 52  ? 23.539  7.896   15.992  1.00 0.00 ? 78  GLY B CA 1 
ATOM 308 C CA . VAL B 1 53  ? 22.685  8.525   19.709  1.00 0.00 ? 79  VAL B CA 1 
ATOM 309 C CA . LEU B 1 54  ? 25.300  11.427  19.958  1.00 0.00 ? 80  LEU B CA 1 
ATOM 310 C CA . LEU B 1 55  ? 23.596  13.108  17.043  1.00 0.00 ? 81  LEU B CA 1 
ATOM 311 C CA . GLN B 1 56  ? 20.159  12.600  18.534  1.00 0.00 ? 82  GLN B CA 1 
ATOM 312 C CA . GLN B 1 57  ? 21.365  14.139  21.718  1.00 0.00 ? 83  GLN B CA 1 
ATOM 313 C CA . LYS B 1 58  ? 23.299  17.189  20.441  1.00 0.00 ? 86  LYS B CA 1 
ATOM 314 C CA . SER B 1 59  ? 22.577  19.943  17.950  1.00 0.00 ? 87  SER B CA 1 
ATOM 315 C CA . ILE B 1 60  ? 24.929  20.205  14.889  1.00 0.00 ? 88  ILE B CA 1 
ATOM 316 C CA . GLU B 1 61  ? 26.565  23.395  16.358  1.00 0.00 ? 89  GLU B CA 1 
ATOM 317 C CA . ASP B 1 62  ? 27.138  21.564  19.664  1.00 0.00 ? 90  ASP B CA 1 
ATOM 318 C CA . LEU B 1 63  ? 29.263  19.080  17.809  1.00 0.00 ? 91  LEU B CA 1 
ATOM 319 C CA . ASN B 1 64  ? 31.812  21.900  17.819  1.00 0.00 ? 92  ASN B CA 1 
ATOM 320 C CA . GLN B 1 65  ? 32.495  21.491  21.620  1.00 0.00 ? 93  GLN B CA 1 
ATOM 321 C CA . ARG B 1 66  ? 36.259  20.662  21.951  1.00 0.00 ? 94  ARG B CA 1 
ATOM 322 C CA . ILE B 1 67  ? 37.181  17.735  24.301  1.00 0.00 ? 95  ILE B CA 1 
ATOM 323 C CA . THR B 1 68  ? 40.348  17.809  26.176  1.00 0.00 ? 96  THR B CA 1 
ATOM 324 C CA . TYR B 1 69  ? 41.767  14.352  26.967  1.00 0.00 ? 97  TYR B CA 1 
ATOM 325 C CA . THR B 1 70  ? 45.111  13.026  28.058  1.00 0.00 ? 98  THR B CA 1 
ATOM 326 C CA . ARG B 1 71  ? 47.384  10.110  27.146  1.00 0.00 ? 99  ARG B CA 1 
ATOM 327 C CA . ASP B 1 72  ? 45.556  8.150   29.919  1.00 0.00 ? 100 ASP B CA 1 
ATOM 328 C CA . ASP B 1 73  ? 42.460  8.331   27.738  1.00 0.00 ? 101 ASP B CA 1 
ATOM 329 C CA . LEU B 1 74  ? 44.405  6.622   24.858  1.00 0.00 ? 102 LEU B CA 1 
ATOM 330 C CA . VAL B 1 75  ? 43.949  2.825   24.480  1.00 0.00 ? 103 VAL B CA 1 
ATOM 331 C CA . ASN B 1 76  ? 45.236  0.099   22.053  1.00 0.00 ? 104 ASN B CA 1 
ATOM 332 C CA . TYR B 1 77  ? 44.299  1.934   18.669  1.00 0.00 ? 105 TYR B CA 1 
ATOM 333 C CA . ASN B 1 78  ? 44.245  5.683   18.597  1.00 0.00 ? 106 ASN B CA 1 
ATOM 334 C CA . PRO B 1 79  ? 45.242  6.566   14.886  1.00 0.00 ? 107 PRO B CA 1 
ATOM 335 C CA . ILE B 1 80  ? 43.841  10.119  15.050  1.00 0.00 ? 108 ILE B CA 1 
ATOM 336 C CA . THR B 1 81  ? 43.400  10.702  18.701  1.00 0.00 ? 109 THR B CA 1 
ATOM 337 C CA . GLU B 1 82  ? 47.029  10.244  19.789  1.00 0.00 ? 110 GLU B CA 1 
ATOM 338 C CA . LYS B 1 83  ? 48.102  13.151  17.426  1.00 0.00 ? 111 LYS B CA 1 
ATOM 339 C CA . HIS B 1 84  ? 45.759  15.600  19.223  1.00 0.00 ? 112 HIS B CA 1 
ATOM 340 C CA . VAL B 1 85  ? 46.142  14.931  22.968  1.00 0.00 ? 113 VAL B CA 1 
ATOM 341 C CA . ASP B 1 86  ? 47.712  18.383  23.291  1.00 0.00 ? 114 ASP B CA 1 
ATOM 342 C CA . THR B 1 87  ? 45.214  20.090  21.104  1.00 0.00 ? 115 THR B CA 1 
ATOM 343 C CA . GLY B 1 88  ? 41.882  18.459  22.054  1.00 0.00 ? 116 GLY B CA 1 
ATOM 344 C CA . MET B 1 89  ? 39.388  17.373  19.368  1.00 0.00 ? 117 MET B CA 1 
ATOM 345 C CA . THR B 1 90  ? 35.868  18.498  18.703  1.00 0.00 ? 118 THR B CA 1 
ATOM 346 C CA . LEU B 1 91  ? 32.935  16.107  19.059  1.00 0.00 ? 119 LEU B CA 1 
ATOM 347 C CA . LYS B 1 92  ? 32.649  16.243  15.280  1.00 0.00 ? 120 LYS B CA 1 
ATOM 348 C CA . GLU B 1 93  ? 36.286  15.349  14.811  1.00 0.00 ? 121 GLU B CA 1 
ATOM 349 C CA . LEU B 1 94  ? 35.955  12.480  17.320  1.00 0.00 ? 122 LEU B CA 1 
ATOM 350 C CA . ALA B 1 95  ? 32.890  11.071  15.365  1.00 0.00 ? 123 ALA B CA 1 
ATOM 351 C CA . ASP B 1 96  ? 34.930  11.352  12.129  1.00 0.00 ? 124 ASP B CA 1 
ATOM 352 C CA . ALA B 1 97  ? 37.923  9.491   13.817  1.00 0.00 ? 125 ALA B CA 1 
ATOM 353 C CA . SER B 1 98  ? 35.592  6.760   15.269  1.00 0.00 ? 126 SER B CA 1 
ATOM 354 C CA . LEU B 1 99  ? 33.623  6.021   12.078  1.00 0.00 ? 127 LEU B CA 1 
ATOM 355 C CA . ARG B 1 100 ? 36.087  6.532   9.257   1.00 0.00 ? 128 ARG B CA 1 
ATOM 356 C CA . TYR B 1 101 ? 39.166  5.140   11.104  1.00 0.00 ? 129 TYR B CA 1 
ATOM 357 C CA . SER B 1 102 ? 37.738  2.942   13.965  1.00 0.00 ? 130 SER B CA 1 
ATOM 358 C CA . ASP B 1 103 ? 39.580  5.023   16.512  1.00 0.00 ? 131 ASP B CA 1 
ATOM 359 C CA . ASN B 1 104 ? 38.922  3.257   19.846  1.00 0.00 ? 132 ASN B CA 1 
ATOM 360 C CA . ALA B 1 105 ? 39.842  6.149   22.154  1.00 0.00 ? 133 ALA B CA 1 
ATOM 361 C CA . ALA B 1 106 ? 37.488  8.384   20.085  1.00 0.00 ? 134 ALA B CA 1 
ATOM 362 C CA . GLN B 1 107 ? 34.645  5.845   20.732  1.00 0.00 ? 135 GLN B CA 1 
ATOM 363 C CA . ASN B 1 108 ? 35.348  5.891   24.496  1.00 0.00 ? 136 ASN B CA 1 
ATOM 364 C CA . LEU B 1 109 ? 35.337  9.632   24.712  1.00 0.00 ? 137 LEU B CA 1 
ATOM 365 C CA . ILE B 1 110 ? 32.047  9.739   22.758  1.00 0.00 ? 138 ILE B CA 1 
ATOM 366 C CA . LEU B 1 111 ? 30.680  7.075   25.148  1.00 0.00 ? 139 LEU B CA 1 
ATOM 367 C CA . LYS B 1 112 ? 31.303  9.197   28.244  1.00 0.00 ? 140 LYS B CA 1 
ATOM 368 C CA . GLN B 1 113 ? 29.491  12.128  26.649  1.00 0.00 ? 141 GLN B CA 1 
ATOM 369 C CA . ILE B 1 114 ? 26.528  9.823   26.326  1.00 0.00 ? 142 ILE B CA 1 
ATOM 370 C CA . GLY B 1 115 ? 26.632  8.421   29.977  1.00 0.00 ? 143 GLY B CA 1 
ATOM 371 C CA . GLY B 1 116 ? 28.693  5.346   29.063  1.00 0.00 ? 144 GLY B CA 1 
ATOM 372 C CA . PRO B 1 117 ? 27.808  1.799   27.757  1.00 0.00 ? 145 PRO B CA 1 
ATOM 373 C CA . GLU B 1 118 ? 24.881  1.347   30.160  1.00 0.00 ? 146 GLU B CA 1 
ATOM 374 C CA . SER B 1 119 ? 23.240  4.645   29.081  1.00 0.00 ? 147 SER B CA 1 
ATOM 375 C CA . LEU B 1 120 ? 23.804  3.876   25.349  1.00 0.00 ? 148 LEU B CA 1 
ATOM 376 C CA . LYS B 1 121 ? 21.823  0.615   25.873  1.00 0.00 ? 149 LYS B CA 1 
ATOM 377 C CA . LYS B 1 122 ? 19.017  2.616   27.443  1.00 0.00 ? 150 LYS B CA 1 
ATOM 378 C CA . GLU B 1 123 ? 18.932  4.835   24.313  1.00 0.00 ? 151 GLU B CA 1 
ATOM 379 C CA . LEU B 1 124 ? 18.848  1.844   21.975  1.00 0.00 ? 152 LEU B CA 1 
ATOM 380 C CA . ARG B 1 125 ? 15.956  0.360   23.987  1.00 0.00 ? 153 ARG B CA 1 
ATOM 381 C CA . LYS B 1 126 ? 14.365  3.708   23.607  1.00 0.00 ? 154 LYS B CA 1 
ATOM 382 C CA . ILE B 1 127 ? 14.583  3.504   19.779  1.00 0.00 ? 155 ILE B CA 1 
ATOM 383 C CA . GLY B 1 128 ? 13.140  -0.028  19.849  1.00 0.00 ? 156 GLY B CA 1 
ATOM 384 C CA . ASP B 1 129 ? 16.200  -2.218  20.020  1.00 0.00 ? 157 ASP B CA 1 
ATOM 385 C CA . GLU B 1 130 ? 15.713  -4.790  22.709  1.00 0.00 ? 158 GLU B CA 1 
ATOM 386 C CA . VAL B 1 131 ? 18.642  -6.944  21.491  1.00 0.00 ? 159 VAL B CA 1 
ATOM 387 C CA . THR B 1 132 ? 21.878  -4.947  21.292  1.00 0.00 ? 160 THR B CA 1 
ATOM 388 C CA . ASN B 1 133 ? 23.629  -5.156  24.537  1.00 0.00 ? 161 ASN B CA 1 
ATOM 389 C CA . PRO B 1 134 ? 26.433  -2.487  25.098  1.00 0.00 ? 162 PRO B CA 1 
ATOM 390 C CA . GLU B 1 135 ? 28.244  -3.173  28.264  1.00 0.00 ? 163 GLU B CA 1 
ATOM 391 C CA . ARG B 1 136 ? 31.967  -2.380  27.902  1.00 0.00 ? 164 ARG B CA 1 
ATOM 392 C CA . PHE B 1 137 ? 34.311  0.272   26.709  1.00 0.00 ? 165 PHE B CA 1 
ATOM 393 C CA . GLU B 1 138 ? 37.022  -0.322  24.062  1.00 0.00 ? 166 GLU B CA 1 
ATOM 394 C CA . PRO B 1 139 ? 38.916  -2.581  23.864  1.00 0.00 ? 167 PRO B CA 1 
ATOM 395 C CA . GLU B 1 140 ? 37.248  -4.904  26.439  1.00 0.00 ? 168 GLU B CA 1 
ATOM 396 C CA . LEU B 1 141 ? 34.037  -5.044  24.386  1.00 0.00 ? 169 LEU B CA 1 
ATOM 397 C CA . ASN B 1 142 ? 35.913  -7.178  21.789  1.00 0.00 ? 170 ASN B CA 1 
ATOM 398 C CA . GLU B 1 143 ? 36.492  -10.190 24.073  1.00 0.00 ? 171 GLU B CA 1 
ATOM 399 C CA . VAL B 1 144 ? 33.227  -12.091 24.040  1.00 0.00 ? 172 VAL B CA 1 
ATOM 400 C CA . ASN B 1 145 ? 33.360  -15.873 24.558  1.00 0.00 ? 173 ASN B CA 1 
ATOM 401 C CA . PRO B 1 146 ? 30.568  -17.897 22.846  1.00 0.00 ? 174 PRO B CA 1 
ATOM 402 C CA . GLY B 1 147 ? 27.405  -17.959 24.921  1.00 0.00 ? 175 GLY B CA 1 
ATOM 403 C CA . GLU B 1 148 ? 27.886  -14.652 26.701  1.00 0.00 ? 176 GLU B CA 1 
ATOM 404 C CA . THR B 1 149 ? 25.749  -11.669 25.574  1.00 0.00 ? 177 THR B CA 1 
ATOM 405 C CA . GLN B 1 150 ? 27.643  -8.661  26.855  1.00 0.00 ? 178 GLN B CA 1 
ATOM 406 C CA . ASP B 1 151 ? 28.412  -6.569  23.763  1.00 0.00 ? 179 ASP B CA 1 
ATOM 407 C CA . THR B 1 152 ? 26.498  -8.855  21.446  1.00 0.00 ? 180 THR B CA 1 
ATOM 408 C CA . SER B 1 153 ? 23.845  -8.152  18.869  1.00 0.00 ? 181 SER B CA 1 
ATOM 409 C CA . THR B 1 154 ? 22.136  -9.878  15.980  1.00 0.00 ? 182 THR B CA 1 
ATOM 410 C CA . ALA B 1 155 ? 22.227  -9.280  12.135  1.00 0.00 ? 183 ALA B CA 1 
ATOM 411 C CA . ARG B 1 156 ? 18.562  -8.327  12.111  1.00 0.00 ? 184 ARG B CA 1 
ATOM 412 C CA . ALA B 1 157 ? 18.853  -5.959  15.165  1.00 0.00 ? 185 ALA B CA 1 
ATOM 413 C CA . LEU B 1 158 ? 21.868  -4.168  13.663  1.00 0.00 ? 186 LEU B CA 1 
ATOM 414 C CA . VAL B 1 159 ? 20.056  -3.687  10.263  1.00 0.00 ? 187 VAL B CA 1 
ATOM 415 C CA . THR B 1 160 ? 16.948  -2.481  12.152  1.00 0.00 ? 188 THR B CA 1 
ATOM 416 C CA . SER B 1 161 ? 18.958  0.004   14.360  1.00 0.00 ? 189 SER B CA 1 
ATOM 417 C CA . LEU B 1 162 ? 21.240  1.328   11.498  1.00 0.00 ? 190 LEU B CA 1 
ATOM 418 C CA . ARG B 1 163 ? 18.104  1.802   9.266   1.00 0.00 ? 191 ARG B CA 1 
ATOM 419 C CA . ALA B 1 164 ? 16.416  3.585   12.147  1.00 0.00 ? 192 ALA B CA 1 
ATOM 420 C CA . PHE B 1 165 ? 19.100  6.185   12.662  1.00 0.00 ? 193 PHE B CA 1 
ATOM 421 C CA . ALA B 1 166 ? 20.250  6.546   9.103   1.00 0.00 ? 194 ALA B CA 1 
ATOM 422 C CA . LEU B 1 167 ? 17.153  6.358   6.930   1.00 0.00 ? 195 LEU B CA 1 
ATOM 423 C CA . GLU B 1 168 ? 14.119  6.716   9.174   1.00 0.00 ? 196 GLU B CA 1 
ATOM 424 C CA . ASP B 1 169 ? 12.892  9.149   11.779  1.00 0.00 ? 197 ASP B CA 1 
ATOM 425 C CA . LYS B 1 170 ? 15.208  8.728   14.771  1.00 0.00 ? 198 LYS B CA 1 
ATOM 426 C CA . LEU B 1 171 ? 17.340  11.687  13.550  1.00 0.00 ? 199 LEU B CA 1 
ATOM 427 C CA . PRO B 1 172 ? 16.334  14.705  11.412  1.00 0.00 ? 200 PRO B CA 1 
ATOM 428 C CA . SER B 1 173 ? 17.659  15.083  7.801   1.00 0.00 ? 201 SER B CA 1 
ATOM 429 C CA . GLU B 1 174 ? 20.730  17.159  8.434   1.00 0.00 ? 202 GLU B CA 1 
ATOM 430 C CA . LYS B 1 175 ? 22.025  14.806  11.099  1.00 0.00 ? 203 LYS B CA 1 
ATOM 431 C CA . ARG B 1 176 ? 21.218  11.746  9.021   1.00 0.00 ? 204 ARG B CA 1 
ATOM 432 C CA . GLU B 1 177 ? 23.195  13.330  6.171   1.00 0.00 ? 205 GLU B CA 1 
ATOM 433 C CA . LEU B 1 178 ? 26.301  13.634  8.549   1.00 0.00 ? 206 LEU B CA 1 
ATOM 434 C CA . LEU B 1 179 ? 26.222  10.059  9.678   1.00 0.00 ? 207 LEU B CA 1 
ATOM 435 C CA . ILE B 1 180 ? 25.898  8.487   6.248   1.00 0.00 ? 208 ILE B CA 1 
ATOM 436 C CA . ASP B 1 181 ? 28.544  10.846  4.783   1.00 0.00 ? 209 ASP B CA 1 
ATOM 437 C CA . TRP B 1 182 ? 31.131  9.812   7.408   1.00 0.00 ? 210 TRP B CA 1 
ATOM 438 C CA . MET B 1 183 ? 30.157  6.175   6.795   1.00 0.00 ? 211 MET B CA 1 
ATOM 439 C CA . LYS B 1 184 ? 30.306  6.581   3.075   1.00 0.00 ? 212 LYS B CA 1 
ATOM 440 C CA . ARG B 1 185 ? 33.904  7.842   3.368   1.00 0.00 ? 213 ARG B CA 1 
ATOM 441 C CA . ASN B 1 186 ? 34.991  5.013   5.588   1.00 0.00 ? 214 ASN B CA 1 
ATOM 442 C CA . THR B 1 187 ? 38.609  4.065   5.030   1.00 0.00 ? 215 THR B CA 1 
ATOM 443 C CA . THR B 1 188 ? 38.594  0.641   6.649   1.00 0.00 ? 216 THR B CA 1 
ATOM 444 C CA . GLY B 1 189 ? 36.172  -1.411  4.476   1.00 0.00 ? 217 GLY B CA 1 
ATOM 445 C CA . ASP B 1 190 ? 37.370  -1.798  0.945   1.00 0.00 ? 218 ASP B CA 1 
ATOM 446 C CA . ALA B 1 191 ? 37.913  -5.560  1.076   1.00 0.00 ? 219 ALA B CA 1 
ATOM 447 C CA . LEU B 1 192 ? 34.567  -6.364  2.723   1.00 0.00 ? 220 LEU B CA 1 
ATOM 448 C CA . ILE B 1 193 ? 31.016  -5.358  1.579   1.00 0.00 ? 221 ILE B CA 1 
ATOM 449 C CA . ARG B 1 194 ? 32.497  -2.699  -0.753  1.00 0.00 ? 222 ARG B CA 1 
ATOM 450 C CA . ALA B 1 195 ? 34.316  -5.485  -2.612  1.00 0.00 ? 223 ALA B CA 1 
ATOM 451 C CA . GLY B 1 196 ? 30.986  -7.504  -3.086  1.00 0.00 ? 224 GLY B CA 1 
ATOM 452 C CA . VAL B 1 197 ? 28.849  -4.705  -4.524  1.00 0.00 ? 225 VAL B CA 1 
ATOM 453 C CA . PRO B 1 198 ? 28.952  -4.137  -8.304  1.00 0.00 ? 226 PRO B CA 1 
ATOM 454 C CA . ASP B 1 199 ? 29.665  -1.099  -10.330 1.00 0.00 ? 227 ASP B CA 1 
ATOM 455 C CA . GLY B 1 200 ? 28.992  2.362   -9.330  1.00 0.00 ? 228 GLY B CA 1 
ATOM 456 C CA . TRP B 1 201 ? 26.884  1.542   -6.191  1.00 0.00 ? 229 TRP B CA 1 
ATOM 457 C CA . GLU B 1 202 ? 27.426  3.712   -3.125  1.00 0.00 ? 230 GLU B CA 1 
ATOM 458 C CA . VAL B 1 203 ? 28.180  1.985   0.215   1.00 0.00 ? 231 VAL B CA 1 
ATOM 459 C CA . ALA B 1 204 ? 28.094  3.698   3.624   1.00 0.00 ? 232 ALA B CA 1 
ATOM 460 C CA . ASP B 1 205 ? 29.637  1.047   6.013   1.00 0.00 ? 233 ASP B CA 1 
ATOM 461 C CA . LYS B 1 206 ? 31.340  0.337   9.372   1.00 0.00 ? 234 LYS B CA 1 
ATOM 462 C CA . THR B 1 207 ? 33.539  -2.655  10.013  1.00 0.00 ? 235 THR B CA 1 
ATOM 463 C CA . GLY B 1 208 ? 34.487  -4.579  13.200  1.00 0.00 ? 236 GLY B CA 1 
ATOM 464 C CA . ALA B 1 209 ? 36.628  -7.564  14.198  1.00 0.00 ? 237 ALA B CA 1 
ATOM 465 C CA . ALA B 1 210 ? 36.719  -9.188  17.665  1.00 0.00 ? 238 ALA B CA 1 
ATOM 466 C CA . SER B 1 211 ? 37.959  -12.336 19.531  1.00 0.00 ? 240 SER B CA 1 
ATOM 467 C CA . TYR B 1 212 ? 37.195  -15.737 18.098  1.00 0.00 ? 241 TYR B CA 1 
ATOM 468 C CA . GLY B 1 213 ? 37.986  -14.453 14.638  1.00 0.00 ? 242 GLY B CA 1 
ATOM 469 C CA . THR B 1 214 ? 34.878  -12.198 14.507  1.00 0.00 ? 243 THR B CA 1 
ATOM 470 C CA . ARG B 1 215 ? 34.733  -10.038 11.339  1.00 0.00 ? 244 ARG B CA 1 
ATOM 471 C CA . ASN B 1 216 ? 31.724  -7.889  10.784  1.00 0.00 ? 245 ASN B CA 1 
ATOM 472 C CA . ASP B 1 217 ? 30.560  -5.279  8.323   1.00 0.00 ? 246 ASP B CA 1 
ATOM 473 C CA . ILE B 1 218 ? 27.269  -3.253  8.419   1.00 0.00 ? 247 ILE B CA 1 
ATOM 474 C CA . ALA B 1 219 ? 26.202  -1.159  5.420   1.00 0.00 ? 248 ALA B CA 1 
ATOM 475 C CA . ILE B 1 220 ? 23.520  0.713   3.521   1.00 0.00 ? 249 ILE B CA 1 
ATOM 476 C CA . ILE B 1 221 ? 24.041  0.335   -0.251  1.00 0.00 ? 250 ILE B CA 1 
ATOM 477 C CA . TRP B 1 222 ? 22.486  2.738   -2.805  1.00 0.00 ? 251 TRP B CA 1 
ATOM 478 C CA . PRO B 1 223 ? 21.872  1.262   -6.287  1.00 0.00 ? 252 PRO B CA 1 
ATOM 479 C CA . PRO B 1 224 ? 22.243  3.895   -9.073  1.00 0.00 ? 254 PRO B CA 1 
ATOM 480 C CA . LYS B 1 225 ? 18.541  3.543   -9.813  1.00 0.00 ? 255 LYS B CA 1 
ATOM 481 C CA . GLY B 1 226 ? 16.234  2.766   -6.798  1.00 0.00 ? 256 GLY B CA 1 
ATOM 482 C CA . ASP B 1 227 ? 15.745  2.453   -2.977  1.00 0.00 ? 257 ASP B CA 1 
ATOM 483 C CA . PRO B 1 228 ? 18.693  1.413   -0.665  1.00 0.00 ? 258 PRO B CA 1 
ATOM 484 C CA . VAL B 1 229 ? 19.428  -2.035  0.708   1.00 0.00 ? 259 VAL B CA 1 
ATOM 485 C CA . VAL B 1 230 ? 20.571  -2.269  4.399   1.00 0.00 ? 260 VAL B CA 1 
ATOM 486 C CA . LEU B 1 231 ? 22.943  -5.144  5.174   1.00 0.00 ? 261 LEU B CA 1 
ATOM 487 C CA . ALA B 1 232 ? 24.486  -6.830  8.284   1.00 0.00 ? 262 ALA B CA 1 
ATOM 488 C CA . VAL B 1 233 ? 27.125  -9.556  7.508   1.00 0.00 ? 263 VAL B CA 1 
ATOM 489 C CA . LEU B 1 234 ? 28.475  -10.959 10.726  1.00 0.00 ? 264 LEU B CA 1 
ATOM 490 C CA . SER B 1 235 ? 30.906  -13.893 11.180  1.00 0.00 ? 265 SER B CA 1 
ATOM 491 C CA . SER B 1 236 ? 32.852  -15.786 13.791  1.00 0.00 ? 266 SER B CA 1 
ATOM 492 C CA . ARG B 1 237 ? 34.985  -18.879 14.023  1.00 0.00 ? 267 ARG B CA 1 
ATOM 493 C CA . ASP B 1 238 ? 35.437  -21.736 16.438  1.00 0.00 ? 268 ASP B CA 1 
ATOM 494 C CA . LYS B 1 239 ? 38.729  -20.669 17.921  1.00 0.00 ? 269 LYS B CA 1 
ATOM 495 C CA . LYS B 1 240 ? 39.559  -17.893 20.259  1.00 0.00 ? 270 LYS B CA 1 
ATOM 496 C CA . ASP B 1 241 ? 42.592  -16.371 18.551  1.00 0.00 ? 271 ASP B CA 1 
ATOM 497 C CA . ALA B 1 242 ? 41.360  -17.520 15.094  1.00 0.00 ? 272 ALA B CA 1 
ATOM 498 C CA . LYS B 1 243 ? 42.285  -15.011 12.372  1.00 0.00 ? 273 LYS B CA 1 
ATOM 499 C CA . TYR B 1 244 ? 39.648  -13.893 9.865   1.00 0.00 ? 274 TYR B CA 1 
ATOM 500 C CA . ASP B 1 245 ? 39.391  -13.744 6.086   1.00 0.00 ? 275 ASP B CA 1 
ATOM 501 C CA . ASP B 1 246 ? 37.740  -10.623 4.568   1.00 0.00 ? 276 ASP B CA 1 
ATOM 502 C CA . LYS B 1 247 ? 36.830  -12.470 1.413   1.00 0.00 ? 277 LYS B CA 1 
ATOM 503 C CA . LEU B 1 248 ? 34.090  -14.281 3.372   1.00 0.00 ? 278 LEU B CA 1 
ATOM 504 C CA . ILE B 1 249 ? 32.255  -10.887 3.766   1.00 0.00 ? 279 ILE B CA 1 
ATOM 505 C CA . ALA B 1 250 ? 32.908  -9.859  0.125   1.00 0.00 ? 280 ALA B CA 1 
ATOM 506 C CA . GLU B 1 251 ? 31.732  -13.241 -1.130  1.00 0.00 ? 281 GLU B CA 1 
ATOM 507 C CA . ALA B 1 252 ? 28.660  -13.303 1.121   1.00 0.00 ? 282 ALA B CA 1 
ATOM 508 C CA . THR B 1 253 ? 27.746  -9.847  -0.158  1.00 0.00 ? 283 THR B CA 1 
ATOM 509 C CA . LYS B 1 254 ? 27.853  -11.096 -3.782  1.00 0.00 ? 284 LYS B CA 1 
ATOM 510 C CA . VAL B 1 255 ? 25.358  -13.854 -2.839  1.00 0.00 ? 285 VAL B CA 1 
ATOM 511 C CA . VAL B 1 256 ? 22.990  -11.346 -1.041  1.00 0.00 ? 286 VAL B CA 1 
ATOM 512 C CA . MET B 1 257 ? 22.952  -9.038  -4.080  1.00 0.00 ? 287 MET B CA 1 
ATOM 513 C CA . LYS B 1 258 ? 22.031  -11.794 -6.560  1.00 0.00 ? 288 LYS B CA 1 
ATOM 514 C CA . ALA B 1 259 ? 19.179  -12.753 -4.219  1.00 0.00 ? 289 ALA B CA 1 
ATOM 515 C CA . LEU B 1 260 ? 17.918  -9.193  -4.580  1.00 0.00 ? 290 LEU B CA 1 
ATOM 516 C CA . ASN B 1 261 ? 17.873  -9.420  -8.491  1.00 0.00 ? 291 ASN B CA 1 
ATOM 517 C CA . MET B 1 262 ? 14.060  -9.472  -8.634  1.00 0.00 ? 292 MET B CA 1 
ATOM 518 C CA . ASN B 1 263 ? 13.861  -6.070  -6.820  1.00 0.00 ? 293 ASN B CA 1 
ATOM 519 C CA . GLY B 1 264 ? 14.569  -4.764  -10.364 1.00 0.00 ? 294 GLY B CA 1 
ATOM 520 C CA . LYS B 1 265 ? 15.783  -7.500  -12.931 1.00 0.00 ? 295 LYS B CA 1 
# 
